data_2BPA
#
_entry.id   2BPA
#
_cell.length_a   305.580
_cell.length_b   360.780
_cell.length_c   299.460
_cell.angle_alpha   90.00
_cell.angle_beta   92.89
_cell.angle_gamma   90.00
#
_symmetry.space_group_name_H-M   'P 1 21 1'
#
loop_
_entity.id
_entity.type
_entity.pdbx_description
1 polymer "DNA (5'-D(*AP*AP*AP*AP*C)-3')"
2 polymer 'PROTEIN (SUBUNIT OF BACTERIOPHAGE PHIX174)'
3 polymer 'PROTEIN (SUBUNIT OF BACTERIOPHAGE PHIX174)'
4 polymer 'PROTEIN (SUBUNIT OF BACTERIOPHAGE PHIX174)'
5 water water
#
loop_
_entity_poly.entity_id
_entity_poly.type
_entity_poly.pdbx_seq_one_letter_code
_entity_poly.pdbx_strand_id
1 'polydeoxyribonucleotide' (DA)(DA)(DA)(DA)(DC) A
2 'polypeptide(L)'
;SNIQTGAERMPHDLSHLGFLAGQIGRLITISTTPVIAGDSFEMDAVGALRLSPLRRGLAIDSTVDIFTFYVPHRHVYGEQ
WIKFMKDGVNATPLPTVNTTGYIDHAAFLGTINPDTNKIPKHLFQGYLNIYNNYFKAPWMPDRTEANPNELNQDDARYGF
RCCHLKNIWTAPLPPETELSRQMTTSTTSIDIMGLQAAYANLHTDQERDYFMQRYRDVISSFGGKTSYDADNRPLLVMRS
NLWASGYDVDGTDQTSLGQFSGRVQQTYKHSVPRFFVPEHGTMFTLALVRFPPTATKEIQYLNAKGALTYTDIAGDPVLY
GNLPPREISMKDVFRSGDSSKKFKIAEGQWYRYAPSYVSPAYHLLEGFPFIQEPPSGDLQERVLIRHHDYDQCFQSVQLL
QWNSQVKFNVTVYRNLPTTRDSIMTS
;
1
3 'polypeptide(L)'
;MFQTFISRHNSNFFSDKLVLTSVTPASSAPVLQTPKATSSTLYFDSLTVNAGNGGFLHCIQMDTSVNAANQVVSVGADIA
FDADPKFFACLVRFESSSVPTTLPTAYDVYPLNGRHDGGYYTVKDCVTIDVLPRTPGNNVYVGFMVWSNFTATKCRGLVS
LNQVIKEIICLQPLK
;
2
4 'polypeptide(L)' SKGKKRSGARPGRPQPLRGTKGKRKGARLWYVGGQQF 3
#
# COMPACT_ATOMS: atom_id res chain seq x y z
N SER B 1 57.49 -9.55 0.83
CA SER B 1 56.37 -10.30 1.43
C SER B 1 55.63 -11.10 0.35
N ASN B 2 55.12 -12.26 0.82
CA ASN B 2 54.18 -13.12 0.08
C ASN B 2 52.79 -12.94 0.81
N ILE B 3 51.78 -12.88 -0.04
CA ILE B 3 50.40 -12.61 0.45
C ILE B 3 49.55 -13.79 0.16
N GLN B 4 48.42 -13.80 0.80
CA GLN B 4 47.36 -14.80 0.74
C GLN B 4 46.59 -14.63 -0.57
N THR B 5 47.18 -15.09 -1.65
CA THR B 5 46.61 -15.00 -2.99
C THR B 5 45.38 -15.84 -3.28
N GLY B 6 45.17 -16.87 -2.48
CA GLY B 6 43.92 -17.61 -2.87
C GLY B 6 42.95 -17.65 -1.69
N ALA B 7 41.91 -18.41 -1.98
CA ALA B 7 40.83 -18.67 -1.03
C ALA B 7 40.15 -19.97 -1.45
N GLU B 8 39.63 -20.73 -0.50
CA GLU B 8 38.91 -21.90 -1.05
C GLU B 8 37.43 -21.77 -0.75
N ARG B 9 36.62 -21.99 -1.76
CA ARG B 9 35.16 -21.84 -1.62
C ARG B 9 34.58 -22.65 -0.51
N MET B 10 33.88 -22.04 0.45
CA MET B 10 33.28 -22.77 1.55
C MET B 10 31.92 -22.12 1.82
N PRO B 11 31.05 -22.84 2.47
CA PRO B 11 29.67 -22.31 2.72
C PRO B 11 29.71 -21.10 3.65
N HIS B 12 29.03 -20.04 3.33
CA HIS B 12 28.88 -18.78 4.10
C HIS B 12 27.41 -18.72 4.55
N ASP B 13 27.23 -18.62 5.87
CA ASP B 13 25.87 -18.56 6.40
C ASP B 13 25.41 -17.07 6.50
N LEU B 14 24.60 -16.64 5.57
CA LEU B 14 24.08 -15.27 5.52
C LEU B 14 22.61 -15.17 5.92
N SER B 15 22.31 -16.06 6.78
CA SER B 15 20.94 -16.13 7.32
C SER B 15 20.56 -14.85 8.13
N HIS B 16 19.30 -14.49 8.24
CA HIS B 16 18.91 -13.25 9.07
C HIS B 16 17.40 -13.24 9.28
N LEU B 17 16.96 -12.53 10.34
CA LEU B 17 15.48 -12.50 10.53
C LEU B 17 14.96 -11.31 9.72
N GLY B 18 13.69 -11.38 9.39
CA GLY B 18 12.94 -10.37 8.63
C GLY B 18 11.62 -10.06 9.39
N PHE B 19 11.43 -8.77 9.75
CA PHE B 19 10.18 -8.27 10.45
C PHE B 19 9.60 -7.30 9.42
N LEU B 20 8.61 -7.76 8.70
CA LEU B 20 7.94 -7.10 7.62
C LEU B 20 6.51 -6.58 7.85
N ALA B 21 6.10 -5.67 6.97
CA ALA B 21 4.78 -5.00 6.93
C ALA B 21 4.56 -4.27 5.63
N GLY B 22 3.39 -4.35 5.03
CA GLY B 22 3.12 -3.65 3.79
C GLY B 22 1.62 -3.35 3.65
N GLN B 23 1.26 -2.85 2.49
CA GLN B 23 -0.09 -2.48 2.10
C GLN B 23 -0.57 -3.59 1.15
N ILE B 24 -1.77 -3.52 0.64
CA ILE B 24 -2.33 -4.67 -0.10
C ILE B 24 -1.81 -4.88 -1.56
N GLY B 25 -1.80 -3.91 -2.46
CA GLY B 25 -1.36 -4.25 -3.85
C GLY B 25 -0.03 -3.72 -4.18
N ARG B 26 0.79 -3.39 -3.19
CA ARG B 26 2.10 -2.79 -3.46
C ARG B 26 3.23 -3.83 -3.33
N LEU B 27 4.13 -3.82 -4.29
CA LEU B 27 5.30 -4.71 -4.35
C LEU B 27 6.40 -4.22 -3.39
N ILE B 28 6.77 -4.96 -2.39
CA ILE B 28 7.80 -4.48 -1.44
C ILE B 28 8.97 -5.44 -1.30
N THR B 29 10.17 -4.89 -1.17
CA THR B 29 11.42 -5.73 -1.04
C THR B 29 11.48 -6.27 0.34
N ILE B 30 11.61 -7.55 0.56
CA ILE B 30 11.64 -8.02 1.94
C ILE B 30 13.04 -8.51 2.27
N SER B 31 13.87 -8.81 1.27
CA SER B 31 15.27 -9.25 1.56
C SER B 31 16.12 -9.02 0.36
N THR B 32 17.38 -8.72 0.58
CA THR B 32 18.34 -8.52 -0.47
C THR B 32 19.71 -9.02 0.06
N THR B 33 20.39 -9.74 -0.81
CA THR B 33 21.73 -10.30 -0.56
C THR B 33 22.64 -9.97 -1.70
N PRO B 34 23.67 -9.22 -1.43
CA PRO B 34 24.62 -8.91 -2.49
C PRO B 34 25.45 -10.21 -2.76
N VAL B 35 25.58 -10.64 -4.00
CA VAL B 35 26.34 -11.86 -4.53
C VAL B 35 27.55 -11.50 -5.36
N ILE B 36 28.61 -12.33 -5.28
CA ILE B 36 29.87 -12.16 -5.99
C ILE B 36 29.92 -13.15 -7.16
N ALA B 37 30.62 -12.77 -8.20
CA ALA B 37 30.76 -13.63 -9.38
C ALA B 37 31.34 -14.98 -8.96
N GLY B 38 30.64 -16.02 -9.38
CA GLY B 38 31.05 -17.41 -9.09
C GLY B 38 30.45 -17.88 -7.84
N ASP B 39 29.55 -17.18 -7.10
CA ASP B 39 29.12 -17.93 -5.91
C ASP B 39 27.84 -18.65 -6.23
N SER B 40 27.56 -19.61 -5.40
CA SER B 40 26.34 -20.43 -5.52
C SER B 40 25.39 -19.95 -4.40
N PHE B 41 24.15 -19.65 -4.71
CA PHE B 41 23.20 -19.14 -3.68
C PHE B 41 21.99 -20.01 -3.51
N GLU B 42 21.62 -20.23 -2.27
CA GLU B 42 20.44 -21.01 -1.93
C GLU B 42 19.76 -20.36 -0.70
N MET B 43 18.45 -20.43 -0.64
CA MET B 43 17.66 -19.85 0.46
C MET B 43 16.42 -20.59 0.80
N ASP B 44 16.09 -20.61 2.07
CA ASP B 44 14.90 -21.21 2.59
C ASP B 44 14.23 -20.16 3.52
N ALA B 45 13.25 -19.51 2.97
CA ALA B 45 12.50 -18.46 3.77
C ALA B 45 11.36 -19.17 4.43
N VAL B 46 11.31 -19.14 5.74
CA VAL B 46 10.13 -19.83 6.32
C VAL B 46 9.61 -18.86 7.43
N GLY B 47 8.35 -18.48 7.30
CA GLY B 47 7.77 -17.54 8.30
C GLY B 47 6.27 -17.61 8.30
N ALA B 48 5.67 -16.58 8.94
CA ALA B 48 4.22 -16.50 9.00
C ALA B 48 3.78 -15.15 8.40
N LEU B 49 2.68 -15.29 7.66
CA LEU B 49 2.07 -14.14 7.05
C LEU B 49 0.77 -13.82 7.86
N ARG B 50 0.62 -12.61 8.35
CA ARG B 50 -0.53 -12.12 9.12
C ARG B 50 -1.15 -10.92 8.45
N LEU B 51 -2.45 -10.76 8.50
CA LEU B 51 -3.16 -9.55 7.94
C LEU B 51 -3.49 -8.65 9.15
N SER B 52 -3.82 -7.38 9.10
CA SER B 52 -4.14 -6.61 10.40
C SER B 52 -5.42 -7.22 10.84
N PRO B 53 -5.73 -7.09 12.12
CA PRO B 53 -6.98 -7.70 12.59
C PRO B 53 -8.18 -7.22 11.78
N LEU B 54 -9.05 -8.17 11.37
CA LEU B 54 -10.17 -7.59 10.57
C LEU B 54 -11.40 -7.34 11.41
N ARG B 55 -12.27 -6.47 10.89
CA ARG B 55 -13.48 -6.07 11.63
C ARG B 55 -14.48 -7.13 11.80
N ARG B 56 -14.55 -8.21 11.00
CA ARG B 56 -15.61 -9.20 11.32
C ARG B 56 -14.87 -10.53 11.13
N GLY B 57 -15.52 -11.63 10.89
CA GLY B 57 -14.85 -12.97 10.72
C GLY B 57 -14.32 -13.09 9.30
N LEU B 58 -13.49 -14.10 9.07
CA LEU B 58 -12.86 -14.35 7.77
C LEU B 58 -13.97 -14.58 6.75
N ALA B 59 -13.83 -14.10 5.58
CA ALA B 59 -14.81 -14.30 4.50
C ALA B 59 -14.06 -14.79 3.22
N ILE B 60 -12.95 -14.22 2.89
CA ILE B 60 -12.14 -14.54 1.74
C ILE B 60 -10.63 -14.63 1.94
N ASP B 61 -9.96 -15.68 1.50
CA ASP B 61 -8.48 -15.73 1.64
C ASP B 61 -7.83 -14.78 0.70
N SER B 62 -6.71 -14.20 1.11
CA SER B 62 -5.97 -13.35 0.22
C SER B 62 -4.87 -14.31 -0.40
N THR B 63 -4.40 -13.86 -1.51
CA THR B 63 -3.32 -14.68 -2.20
C THR B 63 -2.00 -14.02 -1.98
N VAL B 64 -0.89 -14.73 -1.79
CA VAL B 64 0.44 -14.14 -1.57
C VAL B 64 1.48 -14.65 -2.60
N ASP B 65 2.22 -13.74 -3.14
CA ASP B 65 3.25 -14.09 -4.12
C ASP B 65 4.60 -13.62 -3.54
N ILE B 66 5.58 -14.53 -3.59
CA ILE B 66 6.93 -14.17 -3.11
C ILE B 66 7.84 -14.43 -4.30
N PHE B 67 8.65 -13.49 -4.60
CA PHE B 67 9.53 -13.60 -5.74
C PHE B 67 10.99 -13.38 -5.43
N THR B 68 11.91 -14.11 -6.11
CA THR B 68 13.34 -13.90 -5.97
C THR B 68 13.93 -13.65 -7.35
N PHE B 69 14.49 -12.49 -7.55
CA PHE B 69 15.10 -12.14 -8.81
C PHE B 69 16.58 -11.89 -8.64
N TYR B 70 17.30 -12.00 -9.73
CA TYR B 70 18.77 -11.76 -9.76
C TYR B 70 18.96 -10.62 -10.70
N VAL B 71 19.72 -9.63 -10.26
CA VAL B 71 19.97 -8.48 -11.09
C VAL B 71 21.48 -8.27 -11.10
N PRO B 72 22.11 -8.51 -12.24
CA PRO B 72 23.55 -8.33 -12.32
C PRO B 72 23.84 -6.83 -12.22
N HIS B 73 24.95 -6.39 -11.61
CA HIS B 73 25.27 -4.95 -11.54
C HIS B 73 25.47 -4.31 -12.88
N ARG B 74 25.99 -5.04 -13.88
CA ARG B 74 26.29 -4.58 -15.21
C ARG B 74 24.98 -4.02 -15.77
N HIS B 75 23.97 -4.79 -15.42
CA HIS B 75 22.60 -4.46 -15.86
C HIS B 75 22.26 -3.04 -15.35
N VAL B 76 22.79 -2.76 -14.16
CA VAL B 76 22.50 -1.42 -13.56
C VAL B 76 23.50 -0.37 -13.84
N TYR B 77 24.78 -0.62 -13.92
CA TYR B 77 25.72 0.47 -14.13
C TYR B 77 26.24 0.39 -15.53
N GLY B 78 25.84 -0.61 -16.34
CA GLY B 78 26.35 -0.66 -17.70
C GLY B 78 27.82 -0.50 -17.84
N GLU B 79 28.20 0.20 -18.82
CA GLU B 79 29.54 0.47 -19.19
C GLU B 79 30.44 0.79 -18.01
N GLN B 80 29.87 1.59 -17.08
CA GLN B 80 30.56 2.06 -15.86
C GLN B 80 30.99 0.92 -14.99
N TRP B 81 30.15 -0.07 -14.90
CA TRP B 81 30.50 -1.24 -14.09
C TRP B 81 31.68 -2.02 -14.72
N ILE B 82 31.58 -2.24 -16.04
CA ILE B 82 32.58 -2.96 -16.84
C ILE B 82 33.97 -2.36 -16.63
N LYS B 83 33.95 -1.03 -16.70
CA LYS B 83 35.20 -0.30 -16.53
C LYS B 83 35.71 -0.41 -15.11
N PHE B 84 34.83 -0.36 -14.13
CA PHE B 84 35.15 -0.48 -12.71
C PHE B 84 35.93 -1.82 -12.50
N MET B 85 35.31 -2.91 -12.99
CA MET B 85 35.94 -4.26 -12.84
C MET B 85 37.31 -4.34 -13.49
N LYS B 86 37.42 -3.72 -14.62
CA LYS B 86 38.68 -3.72 -15.38
C LYS B 86 39.67 -2.86 -14.61
N ASP B 87 39.29 -1.62 -14.31
CA ASP B 87 40.16 -0.71 -13.55
C ASP B 87 40.57 -1.37 -12.28
N GLY B 88 39.77 -2.19 -11.69
CA GLY B 88 40.17 -2.84 -10.46
C GLY B 88 40.28 -1.89 -9.26
N VAL B 89 41.30 -2.10 -8.45
CA VAL B 89 41.55 -1.32 -7.21
C VAL B 89 41.41 0.20 -7.32
N ASN B 90 41.85 0.76 -8.37
CA ASN B 90 41.68 2.24 -8.38
C ASN B 90 40.48 2.61 -9.19
N ALA B 91 39.52 1.72 -9.38
CA ALA B 91 38.33 2.11 -10.15
C ALA B 91 37.66 3.32 -9.42
N THR B 92 36.95 4.20 -10.08
CA THR B 92 36.22 5.34 -9.40
C THR B 92 35.07 4.72 -8.69
N PRO B 93 34.77 5.06 -7.47
CA PRO B 93 33.70 4.43 -6.72
C PRO B 93 32.37 4.58 -7.39
N LEU B 94 31.48 3.63 -7.27
CA LEU B 94 30.15 3.60 -7.90
C LEU B 94 29.16 4.68 -7.36
N PRO B 95 28.33 5.17 -8.27
CA PRO B 95 27.31 6.22 -8.00
C PRO B 95 26.32 5.80 -6.99
N THR B 96 25.80 6.77 -6.21
CA THR B 96 24.85 6.52 -5.14
C THR B 96 23.58 7.32 -5.29
N VAL B 97 22.45 6.86 -5.60
CA VAL B 97 21.14 7.57 -5.71
C VAL B 97 20.64 8.23 -4.39
N ASN B 98 19.77 9.27 -4.44
CA ASN B 98 19.22 10.02 -3.29
C ASN B 98 17.79 9.80 -2.85
N THR B 99 17.72 9.64 -1.55
CA THR B 99 16.48 9.42 -0.84
C THR B 99 15.96 10.70 -0.11
N THR B 100 14.73 10.67 0.34
CA THR B 100 14.06 11.77 1.09
C THR B 100 14.41 11.58 2.54
N GLY B 101 14.63 12.65 3.25
CA GLY B 101 14.94 12.52 4.63
C GLY B 101 14.04 11.83 5.54
N TYR B 102 13.57 10.61 5.40
CA TYR B 102 12.74 10.07 6.45
C TYR B 102 13.20 8.63 6.69
N ILE B 103 12.89 8.16 7.84
CA ILE B 103 13.30 6.78 8.18
C ILE B 103 12.63 5.81 7.21
N ASP B 104 11.34 5.96 6.91
CA ASP B 104 10.78 4.94 5.95
C ASP B 104 10.78 5.31 4.51
N HIS B 105 11.47 6.31 4.09
CA HIS B 105 11.42 6.61 2.67
C HIS B 105 12.26 5.75 1.73
N ALA B 106 12.82 4.62 2.14
CA ALA B 106 13.61 3.65 1.26
C ALA B 106 13.16 2.24 1.57
N ALA B 107 12.08 2.20 2.32
CA ALA B 107 11.44 1.02 2.79
C ALA B 107 10.99 0.14 1.62
N PHE B 108 10.68 0.76 0.54
CA PHE B 108 10.24 -0.06 -0.64
C PHE B 108 11.42 -0.98 -1.05
N LEU B 109 12.62 -0.63 -0.67
CA LEU B 109 13.85 -1.42 -1.04
C LEU B 109 14.29 -2.27 0.11
N GLY B 110 13.42 -2.42 1.02
CA GLY B 110 13.59 -3.18 2.22
C GLY B 110 14.83 -2.75 2.98
N THR B 111 14.91 -1.45 3.31
CA THR B 111 16.06 -0.95 4.03
C THR B 111 15.69 0.30 4.84
N ILE B 112 16.50 0.54 5.86
CA ILE B 112 16.29 1.80 6.70
C ILE B 112 17.11 2.83 6.00
N ASN B 113 16.59 4.04 5.94
CA ASN B 113 17.28 5.11 5.25
C ASN B 113 18.48 5.56 6.08
N PRO B 114 19.62 5.52 5.48
CA PRO B 114 20.83 5.98 6.12
C PRO B 114 20.64 7.50 6.44
N ASP B 115 21.29 8.08 7.43
CA ASP B 115 21.22 9.52 7.81
C ASP B 115 21.73 10.32 6.66
N THR B 116 22.83 9.91 6.05
CA THR B 116 23.33 10.66 4.85
C THR B 116 22.18 10.55 3.90
N ASN B 117 21.48 11.14 3.01
CA ASN B 117 20.34 10.28 2.53
C ASN B 117 20.67 9.64 1.17
N LYS B 118 21.53 8.60 1.19
CA LYS B 118 21.79 7.94 -0.12
C LYS B 118 22.10 6.44 0.07
N ILE B 119 21.72 5.77 -1.01
CA ILE B 119 21.89 4.33 -1.17
C ILE B 119 22.53 4.04 -2.54
N PRO B 120 23.11 2.84 -2.59
CA PRO B 120 23.75 2.33 -3.82
C PRO B 120 22.67 2.36 -4.90
N LYS B 121 23.01 2.95 -5.98
CA LYS B 121 22.12 3.05 -7.12
C LYS B 121 21.57 1.70 -7.62
N HIS B 122 22.38 0.62 -7.48
CA HIS B 122 21.97 -0.73 -7.92
C HIS B 122 20.81 -1.15 -7.11
N LEU B 123 20.68 -0.79 -5.85
CA LEU B 123 19.55 -1.19 -5.06
C LEU B 123 18.22 -0.59 -5.56
N PHE B 124 18.29 0.65 -5.98
CA PHE B 124 17.09 1.40 -6.46
C PHE B 124 16.76 0.97 -7.89
N GLN B 125 17.76 0.95 -8.74
CA GLN B 125 17.58 0.58 -10.17
C GLN B 125 17.10 -0.83 -10.43
N GLY B 126 17.61 -1.77 -9.66
CA GLY B 126 17.26 -3.19 -9.75
C GLY B 126 15.75 -3.31 -9.56
N TYR B 127 15.23 -2.57 -8.55
CA TYR B 127 13.80 -2.56 -8.22
C TYR B 127 12.97 -2.06 -9.39
N LEU B 128 13.36 -0.96 -9.99
CA LEU B 128 12.68 -0.41 -11.14
C LEU B 128 12.63 -1.46 -12.29
N ASN B 129 13.76 -2.15 -12.51
CA ASN B 129 13.87 -3.17 -13.62
C ASN B 129 12.96 -4.31 -13.40
N ILE B 130 12.86 -4.71 -12.15
CA ILE B 130 12.00 -5.79 -11.79
C ILE B 130 10.55 -5.36 -12.05
N TYR B 131 10.20 -4.13 -11.59
CA TYR B 131 8.83 -3.61 -11.76
C TYR B 131 8.41 -3.45 -13.20
N ASN B 132 9.23 -2.78 -13.95
CA ASN B 132 8.97 -2.51 -15.35
C ASN B 132 8.92 -3.78 -16.24
N ASN B 133 9.60 -4.87 -15.92
CA ASN B 133 9.60 -6.09 -16.74
C ASN B 133 8.63 -7.11 -16.28
N TYR B 134 8.04 -7.08 -15.11
CA TYR B 134 7.14 -8.14 -14.78
C TYR B 134 5.83 -7.68 -14.14
N PHE B 135 5.83 -6.46 -13.58
CA PHE B 135 4.64 -5.96 -12.85
C PHE B 135 3.83 -4.88 -13.48
N LYS B 136 4.29 -3.89 -14.12
CA LYS B 136 3.35 -2.91 -14.73
C LYS B 136 2.58 -3.63 -15.86
N ALA B 137 1.50 -3.06 -16.33
CA ALA B 137 0.79 -3.73 -17.50
C ALA B 137 1.73 -3.44 -18.66
N PRO B 138 1.91 -4.40 -19.61
CA PRO B 138 2.85 -4.25 -20.70
C PRO B 138 2.73 -2.91 -21.34
N TRP B 139 1.53 -2.40 -21.64
CA TRP B 139 1.25 -1.16 -22.27
C TRP B 139 1.47 0.08 -21.39
N MET B 140 1.72 0.01 -20.09
CA MET B 140 1.97 1.32 -19.34
C MET B 140 3.43 1.63 -19.55
N PRO B 141 3.71 2.90 -19.44
CA PRO B 141 5.09 3.38 -19.59
C PRO B 141 6.01 2.94 -18.48
N ASP B 142 7.29 2.74 -18.72
CA ASP B 142 8.20 2.31 -17.67
C ASP B 142 8.31 3.35 -16.53
N ARG B 143 8.76 2.92 -15.40
CA ARG B 143 8.98 3.85 -14.25
C ARG B 143 10.42 4.25 -14.49
N THR B 144 10.51 5.55 -14.68
CA THR B 144 11.86 6.05 -14.99
C THR B 144 12.40 7.08 -14.06
N GLU B 145 12.29 7.06 -12.77
CA GLU B 145 12.74 8.08 -11.82
C GLU B 145 14.22 7.98 -11.61
N ALA B 146 14.86 9.12 -11.44
CA ALA B 146 16.32 9.02 -11.29
C ALA B 146 16.69 8.74 -9.88
N ASN B 147 15.94 9.19 -8.91
CA ASN B 147 16.32 8.93 -7.53
C ASN B 147 15.05 8.65 -6.76
N PRO B 148 15.27 7.84 -5.77
CA PRO B 148 14.14 7.53 -4.94
C PRO B 148 13.41 8.82 -4.44
N ASN B 149 14.16 9.93 -4.26
CA ASN B 149 13.49 11.18 -3.73
C ASN B 149 12.44 11.73 -4.66
N GLU B 150 12.29 11.15 -5.82
CA GLU B 150 11.23 11.68 -6.66
C GLU B 150 9.97 10.93 -6.32
N LEU B 151 9.90 9.97 -5.46
CA LEU B 151 8.66 9.26 -5.22
C LEU B 151 7.67 9.77 -4.15
N ASN B 152 6.36 9.54 -4.23
CA ASN B 152 5.43 9.95 -3.18
C ASN B 152 5.76 9.09 -1.93
N GLN B 153 5.21 9.54 -0.80
CA GLN B 153 5.45 8.79 0.41
C GLN B 153 4.83 7.43 0.38
N ASP B 154 3.76 7.23 -0.35
CA ASP B 154 3.20 5.87 -0.40
C ASP B 154 4.07 4.95 -1.35
N ASP B 155 4.61 5.50 -2.40
CA ASP B 155 5.46 4.58 -3.27
C ASP B 155 6.76 4.20 -2.54
N ALA B 156 7.34 5.20 -1.90
CA ALA B 156 8.59 5.10 -1.16
C ALA B 156 8.53 4.28 0.07
N ARG B 157 7.43 4.30 0.80
CA ARG B 157 7.35 3.54 2.00
C ARG B 157 6.78 2.13 1.92
N TYR B 158 5.84 1.94 1.02
CA TYR B 158 5.08 0.73 0.82
C TYR B 158 5.38 -0.01 -0.48
N GLY B 159 6.03 0.57 -1.41
CA GLY B 159 6.32 -0.12 -2.72
C GLY B 159 5.31 0.38 -3.75
N PHE B 160 5.61 0.08 -5.01
CA PHE B 160 4.78 0.47 -6.16
C PHE B 160 3.52 -0.38 -6.27
N ARG B 161 2.49 0.25 -6.84
CA ARG B 161 1.21 -0.39 -7.07
C ARG B 161 1.32 -1.45 -8.24
N CYS B 162 0.73 -2.56 -7.96
CA CYS B 162 0.66 -3.74 -8.91
C CYS B 162 -0.73 -3.82 -9.48
N CYS B 163 -0.89 -4.70 -10.54
CA CYS B 163 -2.26 -4.71 -11.11
C CYS B 163 -3.10 -5.71 -10.42
N HIS B 164 -4.38 -5.52 -10.54
CA HIS B 164 -5.34 -6.44 -9.99
C HIS B 164 -5.27 -7.83 -10.66
N LEU B 165 -5.88 -8.85 -10.13
CA LEU B 165 -5.90 -10.21 -10.80
C LEU B 165 -6.87 -9.96 -11.95
N LYS B 166 -6.63 -10.59 -13.10
CA LYS B 166 -7.43 -10.37 -14.31
C LYS B 166 -8.93 -10.64 -14.21
N ASN B 167 -9.57 -9.64 -14.82
CA ASN B 167 -11.02 -9.42 -14.94
C ASN B 167 -11.38 -8.98 -16.35
N ILE B 168 -12.67 -8.87 -16.60
CA ILE B 168 -13.14 -8.27 -17.86
C ILE B 168 -12.71 -6.80 -17.76
N TRP B 169 -12.95 -6.13 -16.62
CA TRP B 169 -12.65 -4.70 -16.44
C TRP B 169 -11.22 -4.47 -16.02
N THR B 170 -10.69 -5.41 -15.31
CA THR B 170 -9.28 -5.31 -14.80
C THR B 170 -8.29 -5.62 -15.87
N ALA B 171 -8.62 -6.43 -16.92
CA ALA B 171 -7.74 -6.84 -18.01
C ALA B 171 -8.31 -6.64 -19.38
N PRO B 172 -8.62 -5.40 -19.71
CA PRO B 172 -9.14 -5.06 -21.02
C PRO B 172 -8.06 -5.16 -22.09
N LEU B 173 -8.32 -5.13 -23.38
CA LEU B 173 -7.25 -5.17 -24.40
C LEU B 173 -6.50 -3.85 -24.24
N PRO B 174 -5.28 -3.87 -24.70
CA PRO B 174 -4.44 -2.67 -24.61
C PRO B 174 -5.17 -1.48 -25.20
N PRO B 175 -4.99 -0.32 -24.53
CA PRO B 175 -5.61 0.97 -24.85
C PRO B 175 -5.67 1.36 -26.27
N GLU B 176 -4.58 1.23 -26.99
CA GLU B 176 -4.61 1.62 -28.37
C GLU B 176 -5.01 0.47 -29.28
N THR B 177 -5.76 -0.48 -28.87
CA THR B 177 -6.10 -1.57 -29.85
C THR B 177 -6.92 -0.94 -30.93
N GLU B 178 -6.64 -1.12 -32.20
CA GLU B 178 -7.45 -0.55 -33.28
C GLU B 178 -8.74 -1.30 -33.48
N LEU B 179 -9.80 -0.54 -33.71
CA LEU B 179 -11.12 -1.15 -33.93
C LEU B 179 -11.39 -1.12 -35.41
N SER B 180 -10.51 -0.57 -36.15
CA SER B 180 -10.74 -0.57 -37.62
C SER B 180 -9.41 -0.30 -38.29
N ARG B 181 -9.42 -0.51 -39.60
CA ARG B 181 -8.18 -0.27 -40.35
C ARG B 181 -8.49 0.10 -41.76
N GLN B 182 -8.10 1.28 -42.16
CA GLN B 182 -8.42 1.69 -43.51
C GLN B 182 -7.33 1.34 -44.51
N MET B 183 -7.79 1.10 -45.71
CA MET B 183 -6.86 0.81 -46.84
C MET B 183 -7.33 1.90 -47.81
N THR B 184 -6.34 2.68 -48.11
CA THR B 184 -6.70 3.79 -49.00
C THR B 184 -6.82 3.09 -50.38
N THR B 185 -7.99 3.15 -50.86
CA THR B 185 -8.47 2.63 -52.11
C THR B 185 -8.56 3.72 -53.12
N SER B 186 -8.71 3.32 -54.36
CA SER B 186 -8.81 4.37 -55.38
C SER B 186 -10.30 4.71 -55.52
N THR B 187 -10.72 5.67 -56.30
CA THR B 187 -12.15 5.97 -56.37
C THR B 187 -13.06 4.91 -56.94
N THR B 188 -12.63 4.14 -58.00
CA THR B 188 -13.68 3.17 -58.44
C THR B 188 -13.11 1.79 -58.75
N SER B 189 -12.10 1.54 -57.94
CA SER B 189 -11.40 0.21 -57.99
C SER B 189 -10.61 0.23 -56.66
N ILE B 190 -10.39 -1.00 -56.32
CA ILE B 190 -9.67 -1.48 -55.17
C ILE B 190 -8.66 -2.49 -55.84
N ASP B 191 -7.49 -2.59 -55.24
CA ASP B 191 -6.45 -3.57 -55.77
C ASP B 191 -6.57 -4.80 -54.85
N ILE B 192 -7.13 -5.82 -55.43
CA ILE B 192 -7.38 -7.14 -54.90
C ILE B 192 -6.12 -7.63 -54.23
N MET B 193 -4.97 -7.39 -54.84
CA MET B 193 -3.65 -7.82 -54.36
C MET B 193 -3.19 -6.92 -53.20
N GLY B 194 -3.47 -5.61 -53.24
CA GLY B 194 -3.06 -4.70 -52.13
C GLY B 194 -3.85 -4.95 -50.88
N LEU B 195 -5.10 -5.32 -51.12
CA LEU B 195 -5.97 -5.61 -50.03
C LEU B 195 -5.34 -6.74 -49.22
N GLN B 196 -4.92 -7.81 -49.96
CA GLN B 196 -4.31 -9.01 -49.39
C GLN B 196 -3.15 -8.63 -48.47
N ALA B 197 -2.34 -7.79 -49.00
CA ALA B 197 -1.14 -7.26 -48.35
C ALA B 197 -1.50 -6.47 -47.07
N ALA B 198 -2.57 -5.69 -47.23
CA ALA B 198 -3.16 -4.83 -46.16
C ALA B 198 -3.41 -5.69 -44.96
N TYR B 199 -4.00 -6.85 -45.20
CA TYR B 199 -4.29 -7.79 -44.18
C TYR B 199 -3.00 -8.33 -43.57
N ALA B 200 -2.00 -8.60 -44.41
CA ALA B 200 -0.72 -9.15 -43.83
C ALA B 200 -0.14 -8.09 -42.87
N ASN B 201 -0.11 -6.84 -43.29
CA ASN B 201 0.46 -5.85 -42.35
C ASN B 201 -0.34 -5.74 -41.06
N LEU B 202 -1.67 -5.63 -41.10
CA LEU B 202 -2.45 -5.48 -39.84
C LEU B 202 -2.16 -6.58 -38.88
N HIS B 203 -1.92 -7.80 -39.42
CA HIS B 203 -1.67 -9.00 -38.65
C HIS B 203 -0.51 -8.82 -37.70
N THR B 204 0.51 -8.36 -38.40
CA THR B 204 1.80 -8.08 -37.78
C THR B 204 1.55 -7.00 -36.68
N ASP B 205 0.68 -6.04 -36.95
CA ASP B 205 0.36 -4.97 -35.95
C ASP B 205 -0.34 -5.57 -34.80
N GLN B 206 -1.39 -6.25 -35.13
CA GLN B 206 -2.25 -6.88 -34.16
C GLN B 206 -1.44 -7.72 -33.22
N GLU B 207 -0.53 -8.58 -33.74
CA GLU B 207 0.24 -9.38 -32.79
C GLU B 207 1.09 -8.59 -31.82
N ARG B 208 1.76 -7.58 -32.27
CA ARG B 208 2.60 -6.73 -31.40
C ARG B 208 1.67 -6.11 -30.34
N ASP B 209 0.48 -5.67 -30.75
CA ASP B 209 -0.47 -5.05 -29.78
C ASP B 209 -0.92 -5.93 -28.68
N TYR B 210 -1.45 -7.10 -28.98
CA TYR B 210 -1.94 -8.06 -28.08
C TYR B 210 -0.97 -8.94 -27.32
N PHE B 211 0.12 -9.40 -27.93
CA PHE B 211 1.08 -10.30 -27.30
C PHE B 211 2.53 -9.95 -27.35
N MET B 212 2.98 -9.11 -28.22
CA MET B 212 4.40 -8.84 -28.31
C MET B 212 4.77 -7.37 -28.16
N GLN B 213 4.53 -6.68 -27.06
CA GLN B 213 4.92 -5.24 -26.93
C GLN B 213 6.36 -5.11 -26.57
N ARG B 214 6.88 -6.20 -26.02
CA ARG B 214 8.25 -6.36 -25.53
C ARG B 214 9.08 -7.07 -26.62
N TYR B 215 10.25 -6.54 -26.82
CA TYR B 215 11.20 -7.12 -27.80
C TYR B 215 11.40 -8.63 -27.60
N ARG B 216 11.63 -9.05 -26.38
CA ARG B 216 11.83 -10.48 -26.12
C ARG B 216 10.66 -11.30 -26.62
N ASP B 217 9.44 -10.77 -26.55
CA ASP B 217 8.31 -11.56 -27.05
C ASP B 217 8.28 -11.62 -28.56
N VAL B 218 8.64 -10.55 -29.20
CA VAL B 218 8.65 -10.56 -30.68
C VAL B 218 9.61 -11.71 -31.17
N ILE B 219 10.70 -11.87 -30.43
CA ILE B 219 11.66 -12.97 -30.88
C ILE B 219 11.15 -14.32 -30.60
N SER B 220 10.49 -14.51 -29.50
CA SER B 220 10.02 -15.88 -29.26
C SER B 220 9.03 -16.26 -30.35
N SER B 221 8.39 -15.19 -30.77
CA SER B 221 7.38 -15.41 -31.82
C SER B 221 8.10 -16.04 -33.02
N PHE B 222 9.30 -15.62 -33.31
CA PHE B 222 10.04 -16.17 -34.47
C PHE B 222 10.55 -17.56 -34.11
N GLY B 223 10.40 -17.93 -32.88
CA GLY B 223 10.91 -19.24 -32.50
C GLY B 223 12.38 -19.12 -32.13
N GLY B 224 12.78 -17.88 -31.79
CA GLY B 224 14.21 -17.77 -31.38
C GLY B 224 14.16 -17.58 -29.86
N LYS B 225 15.31 -17.41 -29.24
CA LYS B 225 15.35 -17.09 -27.81
C LYS B 225 16.28 -15.90 -27.62
N THR B 226 16.09 -15.25 -26.49
CA THR B 226 16.83 -14.03 -26.13
C THR B 226 17.34 -14.13 -24.72
N SER B 227 18.59 -13.93 -24.43
CA SER B 227 19.09 -14.03 -23.07
C SER B 227 18.57 -12.82 -22.22
N TYR B 228 18.68 -12.96 -20.92
CA TYR B 228 18.24 -11.82 -20.02
C TYR B 228 19.20 -10.67 -20.19
N ASP B 229 20.34 -10.99 -20.80
CA ASP B 229 21.32 -9.97 -21.07
C ASP B 229 20.90 -9.23 -22.33
N ALA B 230 20.25 -9.89 -23.26
CA ALA B 230 19.82 -9.32 -24.51
C ALA B 230 18.94 -8.07 -24.30
N ASP B 231 18.04 -8.08 -23.36
CA ASP B 231 17.13 -6.91 -23.09
C ASP B 231 17.28 -6.42 -21.65
N ASN B 232 18.37 -6.81 -21.02
CA ASN B 232 18.58 -6.39 -19.62
C ASN B 232 17.48 -6.70 -18.66
N ARG B 233 16.97 -7.88 -18.54
CA ARG B 233 15.89 -8.10 -17.61
C ARG B 233 16.38 -8.91 -16.44
N PRO B 234 15.79 -8.54 -15.28
CA PRO B 234 16.14 -9.25 -14.05
C PRO B 234 15.73 -10.71 -14.29
N LEU B 235 16.51 -11.66 -13.84
CA LEU B 235 16.15 -13.09 -14.04
C LEU B 235 15.32 -13.57 -12.90
N LEU B 236 14.16 -14.16 -13.11
CA LEU B 236 13.29 -14.68 -12.09
C LEU B 236 13.80 -16.11 -11.72
N VAL B 237 14.29 -16.20 -10.52
CA VAL B 237 14.85 -17.44 -10.03
C VAL B 237 13.83 -18.31 -9.43
N MET B 238 12.93 -17.78 -8.64
CA MET B 238 11.96 -18.59 -7.98
C MET B 238 10.68 -17.80 -7.63
N ARG B 239 9.59 -18.50 -7.61
CA ARG B 239 8.32 -17.83 -7.23
C ARG B 239 7.38 -18.78 -6.56
N SER B 240 6.89 -18.31 -5.43
CA SER B 240 5.98 -19.02 -4.62
C SER B 240 4.69 -18.16 -4.52
N ASN B 241 3.67 -18.93 -4.53
CA ASN B 241 2.29 -18.38 -4.47
C ASN B 241 1.51 -19.15 -3.48
N LEU B 242 0.65 -18.45 -2.70
CA LEU B 242 -0.13 -19.12 -1.68
C LEU B 242 -1.36 -18.28 -1.27
N TRP B 243 -2.26 -18.95 -0.62
CA TRP B 243 -3.52 -18.33 -0.07
C TRP B 243 -3.35 -18.23 1.45
N ALA B 244 -3.50 -17.05 2.04
CA ALA B 244 -3.26 -17.00 3.52
C ALA B 244 -4.57 -17.17 4.19
N SER B 245 -4.56 -17.88 5.29
CA SER B 245 -5.79 -18.07 6.03
C SER B 245 -5.59 -17.91 7.53
N GLY B 246 -6.53 -18.31 8.30
CA GLY B 246 -6.47 -18.21 9.75
C GLY B 246 -7.77 -18.70 10.36
N TYR B 247 -8.14 -18.12 11.53
CA TYR B 247 -9.34 -18.49 12.21
C TYR B 247 -10.06 -17.27 12.86
N ASP B 248 -11.32 -17.43 13.19
CA ASP B 248 -12.15 -16.37 13.84
C ASP B 248 -11.98 -16.46 15.36
N VAL B 249 -12.08 -15.28 15.98
CA VAL B 249 -12.00 -15.23 17.46
C VAL B 249 -13.43 -14.84 17.86
N ASP B 250 -13.98 -15.63 18.71
CA ASP B 250 -15.34 -15.45 19.21
C ASP B 250 -15.33 -14.41 20.40
N GLY B 251 -16.09 -13.32 20.32
CA GLY B 251 -16.13 -12.35 21.48
C GLY B 251 -17.03 -13.04 22.50
N THR B 252 -16.81 -12.77 23.77
CA THR B 252 -17.65 -13.39 24.78
C THR B 252 -18.14 -12.45 25.90
N ASP B 253 -18.11 -11.14 25.78
CA ASP B 253 -18.60 -10.20 26.85
C ASP B 253 -20.08 -9.92 26.53
N GLN B 254 -20.69 -9.15 27.45
CA GLN B 254 -22.10 -8.86 27.29
C GLN B 254 -22.42 -8.25 25.98
N THR B 255 -21.59 -7.37 25.58
CA THR B 255 -21.98 -6.70 24.31
C THR B 255 -21.46 -7.35 23.05
N SER B 256 -20.31 -8.08 23.17
CA SER B 256 -19.77 -8.68 21.89
C SER B 256 -19.93 -10.16 21.65
N LEU B 257 -20.82 -10.79 22.34
CA LEU B 257 -21.21 -12.21 22.23
C LEU B 257 -22.07 -12.32 20.98
N GLY B 258 -21.60 -12.89 19.90
CA GLY B 258 -22.35 -12.99 18.62
C GLY B 258 -21.53 -12.29 17.58
N GLN B 259 -20.39 -11.79 18.01
CA GLN B 259 -19.44 -11.07 17.23
C GLN B 259 -18.09 -11.78 17.05
N PHE B 260 -17.45 -11.69 15.92
CA PHE B 260 -16.16 -12.37 15.63
C PHE B 260 -15.13 -11.55 14.97
N SER B 261 -13.86 -11.95 15.17
CA SER B 261 -12.76 -11.21 14.53
C SER B 261 -11.90 -12.29 13.81
N GLY B 262 -11.75 -12.16 12.52
CA GLY B 262 -10.96 -13.15 11.72
C GLY B 262 -9.48 -12.90 11.95
N ARG B 263 -8.74 -13.94 12.29
CA ARG B 263 -7.30 -13.92 12.58
C ARG B 263 -6.55 -14.68 11.45
N VAL B 264 -5.90 -13.97 10.60
CA VAL B 264 -5.17 -14.66 9.51
C VAL B 264 -3.69 -14.90 9.83
N GLN B 265 -3.39 -16.12 10.23
CA GLN B 265 -1.99 -16.58 10.41
C GLN B 265 -1.74 -17.65 9.36
N GLN B 266 -0.75 -17.41 8.54
CA GLN B 266 -0.43 -18.32 7.44
C GLN B 266 1.06 -18.63 7.45
N THR B 267 1.38 -19.90 7.70
CA THR B 267 2.77 -20.38 7.72
C THR B 267 3.08 -20.57 6.20
N TYR B 268 4.17 -20.12 5.76
CA TYR B 268 4.57 -20.23 4.38
C TYR B 268 6.05 -20.61 4.26
N LYS B 269 6.36 -21.00 2.98
CA LYS B 269 7.87 -21.34 2.84
C LYS B 269 8.25 -21.07 1.43
N HIS B 270 9.19 -20.18 1.26
CA HIS B 270 9.75 -19.74 0.00
C HIS B 270 11.16 -20.38 -0.15
N SER B 271 11.34 -21.32 -1.10
CA SER B 271 12.64 -22.00 -1.33
C SER B 271 13.23 -21.79 -2.70
N VAL B 272 14.38 -21.19 -2.65
CA VAL B 272 15.12 -20.93 -3.85
C VAL B 272 16.21 -22.03 -3.95
N PRO B 273 16.07 -22.92 -4.93
CA PRO B 273 17.11 -24.01 -5.14
C PRO B 273 18.41 -23.35 -5.44
N ARG B 274 19.55 -24.02 -5.26
CA ARG B 274 20.89 -23.47 -5.50
C ARG B 274 21.00 -22.69 -6.76
N PHE B 275 21.70 -21.62 -6.81
CA PHE B 275 21.78 -20.81 -8.02
C PHE B 275 23.20 -20.35 -8.22
N PHE B 276 23.75 -20.60 -9.43
CA PHE B 276 25.10 -20.16 -9.71
C PHE B 276 25.06 -18.69 -10.13
N VAL B 277 25.81 -17.84 -9.43
CA VAL B 277 25.84 -16.40 -9.78
C VAL B 277 26.92 -16.24 -10.80
N PRO B 278 26.58 -15.91 -12.03
CA PRO B 278 27.57 -15.75 -13.11
C PRO B 278 28.32 -14.46 -12.91
N GLU B 279 27.68 -13.32 -12.57
CA GLU B 279 28.48 -12.09 -12.33
C GLU B 279 27.99 -11.37 -11.04
N HIS B 280 28.79 -10.52 -10.42
CA HIS B 280 28.42 -9.76 -9.17
C HIS B 280 27.03 -9.14 -9.33
N GLY B 281 26.19 -9.17 -8.36
CA GLY B 281 24.83 -8.56 -8.43
C GLY B 281 24.15 -8.74 -7.09
N THR B 282 22.88 -8.37 -7.00
CA THR B 282 22.00 -8.45 -5.88
C THR B 282 20.95 -9.49 -6.26
N MET B 283 20.54 -10.10 -5.23
CA MET B 283 19.50 -11.14 -5.23
C MET B 283 18.35 -10.41 -4.49
N PHE B 284 17.28 -10.02 -5.14
CA PHE B 284 16.11 -9.31 -4.54
C PHE B 284 14.98 -10.29 -4.29
N THR B 285 14.38 -10.22 -3.11
CA THR B 285 13.25 -11.07 -2.76
C THR B 285 12.10 -10.08 -2.39
N LEU B 286 10.99 -10.18 -3.07
CA LEU B 286 9.82 -9.25 -2.83
C LEU B 286 8.58 -10.00 -2.57
N ALA B 287 7.62 -9.36 -1.88
CA ALA B 287 6.33 -9.94 -1.55
C ALA B 287 5.20 -9.09 -2.11
N LEU B 288 4.09 -9.67 -2.43
CA LEU B 288 2.92 -8.90 -2.95
C LEU B 288 1.70 -9.55 -2.35
N VAL B 289 0.82 -8.88 -1.60
CA VAL B 289 -0.35 -9.53 -1.03
C VAL B 289 -1.57 -8.92 -1.74
N ARG B 290 -2.45 -9.76 -2.24
CA ARG B 290 -3.62 -9.26 -2.99
C ARG B 290 -4.87 -10.09 -2.72
N PHE B 291 -6.00 -9.44 -2.94
CA PHE B 291 -7.32 -10.06 -2.85
C PHE B 291 -7.93 -10.13 -4.26
N PRO B 292 -8.71 -11.12 -4.58
CA PRO B 292 -9.40 -11.24 -5.92
C PRO B 292 -10.15 -9.92 -6.10
N PRO B 293 -10.29 -9.33 -7.25
CA PRO B 293 -10.99 -8.03 -7.37
C PRO B 293 -12.48 -8.05 -7.30
N THR B 294 -13.08 -8.42 -6.23
CA THR B 294 -14.52 -8.47 -6.05
C THR B 294 -15.14 -7.09 -5.83
N ALA B 295 -15.89 -6.59 -6.77
CA ALA B 295 -16.48 -5.19 -6.49
C ALA B 295 -17.85 -5.44 -5.96
N THR B 296 -18.39 -4.54 -5.11
CA THR B 296 -19.71 -4.74 -4.56
C THR B 296 -20.74 -4.30 -5.61
N LYS B 297 -20.42 -3.71 -6.70
CA LYS B 297 -21.43 -3.26 -7.67
C LYS B 297 -21.22 -3.73 -9.11
N GLU B 298 -20.35 -4.74 -9.39
CA GLU B 298 -20.21 -5.19 -10.80
C GLU B 298 -21.47 -5.88 -11.28
N ILE B 299 -21.96 -5.62 -12.46
CA ILE B 299 -23.17 -6.25 -13.02
C ILE B 299 -22.69 -7.19 -14.16
N GLN B 300 -23.50 -8.11 -14.60
CA GLN B 300 -23.16 -9.05 -15.74
C GLN B 300 -23.40 -8.20 -16.99
N TYR B 301 -22.44 -8.13 -17.86
CA TYR B 301 -22.61 -7.32 -19.05
C TYR B 301 -23.96 -7.43 -19.72
N LEU B 302 -24.49 -8.62 -20.01
CA LEU B 302 -25.79 -8.75 -20.66
C LEU B 302 -26.92 -8.19 -19.80
N ASN B 303 -26.73 -8.19 -18.50
CA ASN B 303 -27.81 -7.65 -17.60
C ASN B 303 -27.78 -6.12 -17.48
N ALA B 304 -26.67 -5.53 -17.84
CA ALA B 304 -26.59 -4.07 -17.71
C ALA B 304 -26.45 -3.32 -18.97
N LYS B 305 -26.40 -3.84 -20.17
CA LYS B 305 -26.28 -2.94 -21.37
C LYS B 305 -27.58 -3.09 -22.05
N GLY B 306 -28.46 -2.20 -22.10
CA GLY B 306 -29.79 -2.35 -22.70
C GLY B 306 -30.35 -3.60 -23.33
N ALA B 307 -31.15 -3.26 -24.37
CA ALA B 307 -31.86 -4.21 -25.21
C ALA B 307 -30.76 -5.16 -25.79
N LEU B 308 -31.05 -6.42 -25.86
CA LEU B 308 -30.07 -7.42 -26.38
C LEU B 308 -30.31 -7.70 -27.87
N THR B 309 -29.24 -7.52 -28.59
CA THR B 309 -29.27 -7.77 -30.03
C THR B 309 -28.90 -9.27 -30.27
N TYR B 310 -29.07 -9.76 -31.49
CA TYR B 310 -28.74 -11.14 -31.90
C TYR B 310 -27.24 -11.33 -31.64
N THR B 311 -26.44 -10.36 -32.00
CA THR B 311 -24.99 -10.48 -31.77
C THR B 311 -24.66 -10.65 -30.30
N ASP B 312 -25.42 -9.97 -29.39
CA ASP B 312 -25.04 -10.15 -28.01
C ASP B 312 -25.54 -11.39 -27.34
N ILE B 313 -26.75 -11.80 -27.59
CA ILE B 313 -27.29 -12.95 -26.93
C ILE B 313 -27.11 -14.34 -27.57
N ALA B 314 -27.11 -14.51 -28.87
CA ALA B 314 -27.06 -15.85 -29.54
C ALA B 314 -25.85 -16.75 -29.44
N GLY B 315 -24.69 -16.24 -29.17
CA GLY B 315 -23.44 -17.07 -29.08
C GLY B 315 -23.09 -17.66 -30.48
N ASP B 316 -23.31 -16.89 -31.48
CA ASP B 316 -23.04 -17.31 -32.88
C ASP B 316 -21.56 -17.28 -33.11
N PRO B 317 -20.97 -18.45 -33.30
CA PRO B 317 -19.51 -18.50 -33.50
C PRO B 317 -19.04 -17.78 -34.70
N VAL B 318 -19.74 -17.73 -35.80
CA VAL B 318 -19.20 -17.00 -36.96
C VAL B 318 -19.08 -15.51 -36.61
N LEU B 319 -20.03 -14.96 -35.80
CA LEU B 319 -19.98 -13.51 -35.45
C LEU B 319 -18.78 -13.27 -34.54
N TYR B 320 -18.75 -13.84 -33.39
CA TYR B 320 -17.67 -13.68 -32.42
C TYR B 320 -16.30 -13.94 -33.04
N GLY B 321 -16.20 -14.96 -33.92
CA GLY B 321 -14.91 -15.27 -34.54
C GLY B 321 -14.55 -14.28 -35.57
N ASN B 322 -15.39 -13.31 -35.96
CA ASN B 322 -14.99 -12.42 -36.99
C ASN B 322 -15.23 -10.94 -36.82
N LEU B 323 -15.49 -10.31 -35.68
CA LEU B 323 -15.72 -8.78 -35.78
C LEU B 323 -14.74 -8.08 -34.87
N PRO B 324 -14.51 -6.80 -34.99
CA PRO B 324 -13.51 -6.08 -34.18
C PRO B 324 -13.71 -6.08 -32.70
N PRO B 325 -12.73 -5.70 -31.93
CA PRO B 325 -12.85 -5.64 -30.46
C PRO B 325 -14.04 -4.68 -30.16
N ARG B 326 -14.80 -4.93 -29.12
CA ARG B 326 -15.97 -4.08 -28.74
C ARG B 326 -15.54 -3.08 -27.67
N GLU B 327 -15.84 -1.82 -27.92
CA GLU B 327 -15.55 -0.76 -26.94
C GLU B 327 -16.77 -0.59 -26.04
N ILE B 328 -16.48 -0.74 -24.77
CA ILE B 328 -17.48 -0.72 -23.69
C ILE B 328 -17.10 0.37 -22.67
N SER B 329 -18.03 0.69 -21.77
CA SER B 329 -17.81 1.69 -20.70
C SER B 329 -17.99 1.02 -19.36
N MET B 330 -17.40 1.64 -18.36
CA MET B 330 -17.41 1.25 -16.98
C MET B 330 -18.85 1.14 -16.51
N LYS B 331 -19.75 1.79 -17.19
CA LYS B 331 -21.17 1.78 -16.85
C LYS B 331 -21.87 0.52 -17.32
N ASP B 332 -21.30 -0.22 -18.30
CA ASP B 332 -21.96 -1.43 -18.79
C ASP B 332 -21.74 -2.55 -17.83
N VAL B 333 -20.80 -2.39 -16.92
CA VAL B 333 -20.53 -3.50 -15.99
C VAL B 333 -20.57 -3.07 -14.53
N PHE B 334 -20.90 -1.80 -14.19
CA PHE B 334 -20.93 -1.31 -12.81
C PHE B 334 -22.12 -0.37 -12.51
N ARG B 335 -22.60 -0.48 -11.29
CA ARG B 335 -23.74 0.37 -10.85
C ARG B 335 -23.46 1.86 -10.80
N SER B 336 -22.26 2.27 -10.61
CA SER B 336 -22.05 3.72 -10.63
C SER B 336 -20.93 4.03 -11.58
N GLY B 337 -20.88 3.19 -12.59
CA GLY B 337 -19.86 3.25 -13.63
C GLY B 337 -19.92 4.51 -14.41
N ASP B 338 -18.77 5.06 -14.68
CA ASP B 338 -18.65 6.26 -15.46
C ASP B 338 -18.78 5.89 -16.96
N SER B 339 -19.88 6.29 -17.52
CA SER B 339 -20.10 6.01 -18.96
C SER B 339 -19.06 6.58 -19.85
N SER B 340 -18.32 7.56 -19.34
CA SER B 340 -17.30 8.23 -20.07
C SER B 340 -16.01 7.38 -20.01
N LYS B 341 -15.86 6.46 -19.13
CA LYS B 341 -14.66 5.61 -19.05
C LYS B 341 -14.82 4.32 -19.92
N LYS B 342 -14.22 4.34 -21.09
CA LYS B 342 -14.30 3.20 -22.04
C LYS B 342 -13.20 2.12 -21.94
N PHE B 343 -13.49 0.98 -22.58
CA PHE B 343 -12.45 -0.13 -22.55
C PHE B 343 -12.83 -1.08 -23.72
N LYS B 344 -11.75 -1.70 -24.26
CA LYS B 344 -11.99 -2.66 -25.43
C LYS B 344 -11.86 -4.08 -24.92
N ILE B 345 -12.93 -4.76 -25.21
CA ILE B 345 -13.21 -6.13 -24.82
C ILE B 345 -13.29 -6.99 -26.10
N ALA B 346 -13.04 -8.28 -25.96
CA ALA B 346 -13.16 -9.23 -27.10
C ALA B 346 -14.66 -9.51 -27.29
N GLU B 347 -15.14 -9.60 -28.50
CA GLU B 347 -16.58 -9.90 -28.72
C GLU B 347 -16.82 -11.26 -28.13
N GLY B 348 -17.93 -11.43 -27.44
CA GLY B 348 -18.26 -12.69 -26.82
C GLY B 348 -17.57 -12.90 -25.48
N GLN B 349 -16.78 -11.97 -24.96
CA GLN B 349 -16.08 -12.08 -23.67
C GLN B 349 -17.03 -12.39 -22.53
N TRP B 350 -18.22 -11.79 -22.59
CA TRP B 350 -19.26 -11.94 -21.60
C TRP B 350 -19.66 -13.40 -21.51
N TYR B 351 -19.37 -14.28 -22.51
CA TYR B 351 -19.73 -15.71 -22.49
C TYR B 351 -18.51 -16.56 -22.09
N ARG B 352 -17.42 -15.91 -21.84
CA ARG B 352 -16.17 -16.56 -21.45
C ARG B 352 -15.82 -16.21 -20.00
N TYR B 353 -16.65 -15.31 -19.40
CA TYR B 353 -16.42 -14.84 -18.03
C TYR B 353 -17.66 -14.58 -17.22
N ALA B 354 -17.51 -14.79 -15.94
CA ALA B 354 -18.58 -14.57 -14.97
C ALA B 354 -18.04 -13.83 -13.73
N PRO B 355 -18.66 -12.65 -13.44
CA PRO B 355 -18.29 -11.83 -12.26
C PRO B 355 -18.80 -12.50 -11.03
N SER B 356 -18.25 -12.16 -9.89
CA SER B 356 -18.69 -12.71 -8.62
C SER B 356 -19.95 -11.94 -8.21
N TYR B 357 -20.83 -12.45 -7.45
CA TYR B 357 -22.02 -11.64 -7.06
C TYR B 357 -21.90 -11.29 -5.58
N VAL B 358 -22.18 -10.01 -5.25
CA VAL B 358 -22.13 -9.58 -3.81
C VAL B 358 -23.57 -9.07 -3.56
N SER B 359 -24.42 -9.70 -2.86
CA SER B 359 -25.77 -9.13 -2.64
C SER B 359 -25.67 -7.65 -2.18
N PRO B 360 -26.61 -6.78 -2.59
CA PRO B 360 -26.59 -5.36 -2.16
C PRO B 360 -26.62 -5.22 -0.65
N ALA B 361 -26.96 -6.23 0.10
CA ALA B 361 -26.97 -6.06 1.56
C ALA B 361 -25.57 -5.85 2.13
N TYR B 362 -24.53 -6.18 1.38
CA TYR B 362 -23.15 -6.05 1.78
C TYR B 362 -22.47 -4.75 1.35
N HIS B 363 -23.18 -3.94 0.57
CA HIS B 363 -22.57 -2.74 -0.07
C HIS B 363 -21.61 -1.92 0.82
N LEU B 364 -22.01 -1.33 1.93
CA LEU B 364 -21.02 -0.52 2.66
C LEU B 364 -20.68 -1.11 4.03
N LEU B 365 -20.93 -2.40 4.12
CA LEU B 365 -20.68 -3.17 5.31
C LEU B 365 -19.20 -3.27 5.57
N GLU B 366 -18.65 -2.68 6.63
CA GLU B 366 -17.21 -2.81 6.85
C GLU B 366 -16.82 -4.22 7.29
N GLY B 367 -15.56 -4.57 6.99
CA GLY B 367 -15.00 -5.87 7.35
C GLY B 367 -14.88 -6.84 6.16
N PHE B 368 -15.31 -6.44 5.02
CA PHE B 368 -15.19 -7.39 3.82
C PHE B 368 -14.21 -6.76 2.93
N PRO B 369 -13.20 -7.44 2.39
CA PRO B 369 -12.29 -6.73 1.52
C PRO B 369 -12.92 -6.54 0.18
N PHE B 370 -14.03 -5.83 -0.01
CA PHE B 370 -14.64 -5.66 -1.34
C PHE B 370 -14.29 -4.25 -1.80
N ILE B 371 -14.26 -4.04 -3.06
CA ILE B 371 -13.98 -2.74 -3.64
C ILE B 371 -15.37 -2.03 -3.52
N GLN B 372 -15.60 -0.97 -2.72
CA GLN B 372 -16.98 -0.36 -2.63
C GLN B 372 -17.45 0.45 -3.77
N GLU B 373 -16.71 1.26 -4.43
CA GLU B 373 -17.24 2.01 -5.59
C GLU B 373 -16.37 1.60 -6.77
N PRO B 374 -16.89 1.63 -7.97
CA PRO B 374 -16.07 1.25 -9.15
C PRO B 374 -14.96 2.23 -9.30
N PRO B 375 -13.79 1.68 -9.61
CA PRO B 375 -12.59 2.48 -9.83
C PRO B 375 -12.92 3.58 -10.78
N SER B 376 -12.54 4.79 -10.47
CA SER B 376 -12.77 5.92 -11.36
C SER B 376 -11.43 6.44 -11.83
N GLY B 377 -11.28 6.61 -13.12
CA GLY B 377 -10.01 7.14 -13.62
C GLY B 377 -9.60 6.55 -14.95
N ASP B 378 -8.40 6.95 -15.33
CA ASP B 378 -7.99 6.35 -16.68
C ASP B 378 -7.75 4.88 -16.50
N LEU B 379 -7.62 4.16 -17.62
CA LEU B 379 -7.42 2.70 -17.63
C LEU B 379 -6.36 2.31 -16.64
N GLN B 380 -5.26 2.98 -16.62
CA GLN B 380 -4.13 2.73 -15.72
C GLN B 380 -4.48 2.87 -14.26
N GLU B 381 -5.28 3.91 -13.90
CA GLU B 381 -5.66 4.07 -12.51
C GLU B 381 -6.60 2.94 -12.20
N ARG B 382 -7.42 2.44 -13.14
CA ARG B 382 -8.30 1.37 -12.71
C ARG B 382 -7.58 0.03 -12.57
N VAL B 383 -6.56 -0.28 -13.35
CA VAL B 383 -5.91 -1.61 -13.19
C VAL B 383 -4.95 -1.66 -12.03
N LEU B 384 -4.33 -0.55 -11.62
CA LEU B 384 -3.36 -0.52 -10.49
C LEU B 384 -4.11 -0.55 -9.20
N ILE B 385 -3.76 -1.48 -8.35
CA ILE B 385 -4.44 -1.60 -7.09
C ILE B 385 -4.25 -0.32 -6.21
N ARG B 386 -5.32 -0.04 -5.48
CA ARG B 386 -5.35 1.19 -4.52
C ARG B 386 -5.58 0.63 -3.17
N HIS B 387 -4.52 0.62 -2.30
CA HIS B 387 -4.57 0.04 -0.99
C HIS B 387 -5.65 0.61 -0.07
N HIS B 388 -6.02 1.84 -0.32
CA HIS B 388 -7.07 2.46 0.52
C HIS B 388 -8.37 1.75 0.21
N ASP B 389 -8.56 1.11 -0.96
CA ASP B 389 -9.83 0.43 -1.14
C ASP B 389 -10.00 -0.63 -0.09
N TYR B 390 -9.04 -0.95 0.74
CA TYR B 390 -9.15 -1.96 1.75
C TYR B 390 -9.11 -1.48 3.19
N ASP B 391 -9.00 -0.19 3.40
CA ASP B 391 -8.95 0.44 4.72
C ASP B 391 -10.08 0.04 5.60
N GLN B 392 -11.30 0.03 5.16
CA GLN B 392 -12.45 -0.29 6.03
C GLN B 392 -12.63 -1.73 6.31
N CYS B 393 -11.57 -2.51 6.01
CA CYS B 393 -11.60 -3.96 6.17
C CYS B 393 -10.98 -4.35 7.46
N PHE B 394 -9.94 -3.61 7.84
CA PHE B 394 -9.20 -3.92 9.04
C PHE B 394 -9.32 -2.97 10.27
N GLN B 395 -8.87 -3.54 11.36
CA GLN B 395 -8.80 -2.75 12.63
C GLN B 395 -7.62 -1.84 12.32
N SER B 396 -7.60 -0.61 12.84
CA SER B 396 -6.51 0.29 12.52
C SER B 396 -5.29 0.04 13.35
N VAL B 397 -4.21 -0.36 12.72
CA VAL B 397 -2.97 -0.65 13.46
C VAL B 397 -1.77 0.00 12.85
N GLN B 398 -0.70 0.08 13.64
CA GLN B 398 0.53 0.68 13.21
C GLN B 398 1.24 -0.16 12.11
N LEU B 399 0.97 -1.47 12.02
CA LEU B 399 1.65 -2.35 11.02
C LEU B 399 0.88 -2.45 9.74
N LEU B 400 0.39 -1.36 9.24
CA LEU B 400 -0.33 -1.35 7.96
C LEU B 400 -1.39 -2.38 7.76
N GLN B 401 -1.46 -3.01 6.57
CA GLN B 401 -2.47 -4.00 6.23
C GLN B 401 -1.96 -5.42 6.40
N TRP B 402 -0.72 -5.78 6.26
CA TRP B 402 -0.21 -7.19 6.47
C TRP B 402 1.16 -7.09 7.13
N ASN B 403 1.56 -8.05 7.91
CA ASN B 403 2.88 -8.05 8.60
C ASN B 403 3.39 -9.51 8.51
N SER B 404 4.69 -9.71 8.48
CA SER B 404 5.24 -11.11 8.38
C SER B 404 6.48 -11.18 9.24
N GLN B 405 6.71 -12.34 9.78
CA GLN B 405 7.93 -12.51 10.64
C GLN B 405 8.57 -13.75 9.92
N VAL B 406 9.67 -13.62 9.28
CA VAL B 406 10.32 -14.70 8.54
C VAL B 406 11.79 -14.90 9.00
N LYS B 407 12.23 -16.15 8.66
CA LYS B 407 13.61 -16.53 8.90
C LYS B 407 14.14 -16.97 7.48
N PHE B 408 14.97 -16.11 7.02
CA PHE B 408 15.69 -16.21 5.77
C PHE B 408 16.91 -17.16 5.99
N ASN B 409 16.78 -18.44 5.65
CA ASN B 409 17.99 -19.31 5.83
C ASN B 409 18.72 -19.14 4.53
N VAL B 410 19.86 -18.50 4.57
CA VAL B 410 20.52 -18.39 3.26
C VAL B 410 21.98 -18.82 3.41
N THR B 411 22.40 -19.68 2.43
CA THR B 411 23.74 -20.20 2.32
C THR B 411 24.36 -19.79 1.01
N VAL B 412 25.50 -19.21 1.13
CA VAL B 412 26.19 -18.83 -0.10
C VAL B 412 27.53 -19.61 -0.12
N TYR B 413 27.81 -20.27 -1.28
CA TYR B 413 29.13 -21.05 -1.38
C TYR B 413 30.04 -20.09 -2.08
N ARG B 414 30.70 -19.23 -1.26
CA ARG B 414 31.56 -18.22 -1.84
C ARG B 414 33.01 -18.59 -1.52
N ASN B 415 33.85 -17.89 -2.21
CA ASN B 415 35.30 -18.06 -2.13
C ASN B 415 36.03 -16.82 -1.66
N LEU B 416 35.96 -16.47 -0.38
CA LEU B 416 36.77 -15.26 0.04
C LEU B 416 37.50 -15.83 1.21
N PRO B 417 38.65 -15.32 1.62
CA PRO B 417 39.40 -15.89 2.74
C PRO B 417 38.57 -15.77 4.00
N THR B 418 39.01 -16.55 4.92
CA THR B 418 38.53 -16.71 6.25
C THR B 418 38.64 -15.40 7.05
N THR B 419 37.76 -15.15 8.04
CA THR B 419 37.79 -13.88 8.83
C THR B 419 39.13 -13.70 9.49
N ARG B 420 39.98 -14.73 9.40
CA ARG B 420 41.24 -14.49 10.14
C ARG B 420 42.45 -14.41 9.31
N ASP B 421 42.27 -14.93 8.09
CA ASP B 421 43.25 -14.90 7.05
C ASP B 421 43.32 -13.32 6.96
N SER B 422 42.07 -12.87 7.03
CA SER B 422 41.71 -11.47 6.93
C SER B 422 42.27 -10.65 8.09
N ILE B 423 42.26 -11.12 9.31
CA ILE B 423 42.82 -10.17 10.34
C ILE B 423 44.29 -10.44 10.73
N MET B 424 44.88 -11.45 10.14
CA MET B 424 46.29 -11.82 10.41
C MET B 424 47.20 -11.27 9.29
N THR B 425 48.18 -10.45 9.67
CA THR B 425 49.11 -9.86 8.68
C THR B 425 49.92 -10.97 7.95
N SER B 426 50.24 -11.98 8.70
CA SER B 426 50.99 -13.16 8.19
C SER B 426 50.19 -14.36 8.71
N MET C 1 -11.71 -3.83 46.80
CA MET C 1 -12.14 -3.95 45.41
C MET C 1 -10.95 -3.94 44.45
N PHE C 2 -11.25 -4.39 43.22
CA PHE C 2 -10.16 -4.43 42.21
C PHE C 2 -9.94 -2.98 41.77
N GLN C 3 -8.77 -2.78 41.26
CA GLN C 3 -8.46 -1.47 40.79
C GLN C 3 -8.80 -1.27 39.35
N THR C 4 -9.40 -0.12 39.08
CA THR C 4 -9.71 0.32 37.75
C THR C 4 -8.36 0.60 37.08
N PHE C 5 -8.07 0.01 35.92
CA PHE C 5 -6.81 0.24 35.22
C PHE C 5 -7.04 0.84 33.86
N ILE C 6 -8.21 1.46 33.63
CA ILE C 6 -8.53 2.04 32.35
C ILE C 6 -8.88 3.52 32.59
N SER C 7 -8.33 4.36 31.76
CA SER C 7 -8.64 5.79 31.88
C SER C 7 -8.90 6.42 30.54
N ARG C 8 -9.69 7.52 30.53
CA ARG C 8 -9.95 8.17 29.29
C ARG C 8 -8.83 9.18 29.04
N HIS C 9 -8.04 9.54 30.04
CA HIS C 9 -7.01 10.51 29.77
C HIS C 9 -5.77 10.20 30.58
N ASN C 10 -4.66 10.02 29.83
CA ASN C 10 -3.39 9.73 30.60
C ASN C 10 -2.53 10.94 30.43
N SER C 11 -2.40 11.80 31.43
CA SER C 11 -1.60 13.03 31.38
C SER C 11 -0.12 12.63 31.38
N ASN C 12 0.63 13.46 30.78
CA ASN C 12 2.08 13.36 30.66
C ASN C 12 2.79 13.49 31.99
N PHE C 13 3.88 12.74 32.22
CA PHE C 13 4.63 12.78 33.46
C PHE C 13 5.17 14.18 33.84
N PHE C 14 5.36 15.01 32.88
CA PHE C 14 5.86 16.38 33.13
C PHE C 14 4.85 17.44 32.66
N SER C 15 4.61 18.46 33.47
CA SER C 15 3.66 19.58 33.14
C SER C 15 4.47 20.83 32.95
N ASP C 16 3.99 21.84 32.27
CA ASP C 16 4.65 23.08 32.04
C ASP C 16 3.88 24.36 32.54
N LYS C 17 4.64 25.34 33.04
CA LYS C 17 3.96 26.61 33.49
C LYS C 17 3.71 27.45 32.26
N LEU C 18 2.55 28.12 32.25
CA LEU C 18 2.19 28.98 31.13
C LEU C 18 3.07 30.19 31.33
N VAL C 19 3.85 30.49 30.35
CA VAL C 19 4.72 31.67 30.61
C VAL C 19 3.99 33.01 30.40
N LEU C 20 2.90 33.10 29.70
CA LEU C 20 2.02 34.22 29.40
C LEU C 20 1.23 34.70 30.64
N THR C 21 0.67 35.91 30.53
CA THR C 21 -0.09 36.35 31.76
C THR C 21 -1.41 37.00 31.46
N SER C 22 -1.67 37.21 30.19
CA SER C 22 -3.03 37.82 29.91
C SER C 22 -3.33 37.31 28.50
N VAL C 23 -4.60 37.21 28.25
CA VAL C 23 -5.03 36.76 26.92
C VAL C 23 -6.24 37.72 26.67
N THR C 24 -6.30 37.99 25.41
CA THR C 24 -7.50 38.85 25.05
C THR C 24 -8.16 37.94 23.99
N PRO C 25 -9.24 37.38 24.46
CA PRO C 25 -10.07 36.46 23.65
C PRO C 25 -10.38 37.06 22.32
N ALA C 26 -10.48 36.23 21.28
CA ALA C 26 -10.81 36.68 19.94
C ALA C 26 -11.26 35.54 19.00
N SER C 27 -11.76 36.02 17.88
CA SER C 27 -12.18 35.05 16.83
C SER C 27 -10.89 34.26 16.43
N SER C 28 -9.85 35.07 16.37
CA SER C 28 -8.51 34.49 16.04
C SER C 28 -7.89 34.09 17.37
N ALA C 29 -8.57 33.17 17.92
CA ALA C 29 -8.24 32.63 19.22
C ALA C 29 -6.74 32.38 19.33
N PRO C 30 -6.16 33.18 20.23
CA PRO C 30 -4.74 33.04 20.47
C PRO C 30 -4.42 31.66 21.05
N VAL C 31 -3.30 31.07 20.64
CA VAL C 31 -2.74 29.79 21.11
C VAL C 31 -1.97 30.17 22.39
N LEU C 32 -2.38 29.76 23.55
CA LEU C 32 -1.71 30.10 24.80
C LEU C 32 -0.22 29.83 24.85
N GLN C 33 0.33 28.72 24.35
CA GLN C 33 1.81 28.46 24.46
C GLN C 33 2.27 27.73 23.18
N THR C 34 3.52 27.96 22.84
CA THR C 34 3.92 27.26 21.53
C THR C 34 3.66 25.79 21.73
N PRO C 35 2.99 25.19 20.75
CA PRO C 35 2.62 23.79 20.83
C PRO C 35 3.78 22.81 20.93
N LYS C 36 3.55 21.77 21.68
CA LYS C 36 4.49 20.65 21.86
C LYS C 36 3.95 19.55 20.94
N ALA C 37 4.64 18.44 20.80
CA ALA C 37 4.25 17.47 19.76
C ALA C 37 3.17 16.42 20.13
N THR C 38 3.23 15.70 21.23
CA THR C 38 2.22 14.62 21.30
C THR C 38 1.30 14.63 22.44
N SER C 39 1.79 15.25 23.51
CA SER C 39 1.05 15.34 24.78
C SER C 39 1.77 16.46 25.55
N SER C 40 1.07 17.31 26.27
CA SER C 40 1.57 18.41 27.07
C SER C 40 0.49 18.74 28.12
N THR C 41 1.00 19.08 29.29
CA THR C 41 0.08 19.49 30.39
C THR C 41 0.60 20.92 30.80
N LEU C 42 -0.28 21.89 30.55
CA LEU C 42 -0.06 23.33 30.84
C LEU C 42 -0.86 23.77 32.08
N TYR C 43 -0.21 24.43 33.01
CA TYR C 43 -0.93 24.94 34.22
C TYR C 43 -0.51 26.41 34.43
N PHE C 44 -1.51 27.16 34.89
CA PHE C 44 -1.38 28.63 35.13
C PHE C 44 -2.14 28.97 36.39
N ASP C 45 -1.46 29.46 37.42
CA ASP C 45 -2.23 29.76 38.65
C ASP C 45 -2.86 31.15 38.63
N SER C 46 -2.72 31.81 37.52
CA SER C 46 -3.25 33.16 37.37
C SER C 46 -3.02 33.67 35.96
N LEU C 47 -4.11 33.78 35.26
CA LEU C 47 -4.14 34.24 33.87
C LEU C 47 -5.16 35.40 33.78
N THR C 48 -4.75 36.45 33.13
CA THR C 48 -5.74 37.60 33.05
C THR C 48 -6.28 37.61 31.63
N VAL C 49 -7.59 37.48 31.69
CA VAL C 49 -8.50 37.44 30.56
C VAL C 49 -9.07 38.87 30.32
N ASN C 50 -8.66 39.36 29.20
CA ASN C 50 -9.12 40.72 28.83
C ASN C 50 -10.53 40.66 28.25
N ALA C 51 -11.34 41.73 28.40
CA ALA C 51 -12.69 41.62 27.76
C ALA C 51 -12.35 41.27 26.30
N GLY C 52 -13.15 40.36 25.78
CA GLY C 52 -12.94 39.87 24.38
C GLY C 52 -14.13 38.99 24.06
N ASN C 53 -14.43 38.97 22.80
CA ASN C 53 -15.58 38.17 22.28
C ASN C 53 -14.91 37.19 21.27
N GLY C 54 -14.55 35.99 21.69
CA GLY C 54 -13.87 34.92 20.82
C GLY C 54 -13.41 33.91 21.86
N GLY C 55 -12.31 33.21 21.57
CA GLY C 55 -11.84 32.27 22.59
C GLY C 55 -10.31 32.31 22.63
N PHE C 56 -9.82 31.40 23.43
CA PHE C 56 -8.37 31.15 23.61
C PHE C 56 -8.30 29.59 23.74
N LEU C 57 -7.13 29.02 23.41
CA LEU C 57 -6.95 27.57 23.45
C LEU C 57 -5.51 27.19 23.78
N HIS C 58 -5.39 25.91 24.11
CA HIS C 58 -4.10 25.22 24.41
C HIS C 58 -4.05 23.97 23.46
N CYS C 59 -2.97 23.95 22.68
CA CYS C 59 -2.68 23.01 21.56
C CYS C 59 -1.59 21.93 21.81
N ILE C 60 -1.68 20.85 21.01
CA ILE C 60 -0.59 19.82 20.88
C ILE C 60 -0.42 19.64 19.35
N GLN C 61 0.82 19.29 18.96
CA GLN C 61 0.99 19.07 17.50
C GLN C 61 0.72 17.60 17.20
N MET C 62 -0.17 17.16 16.36
CA MET C 62 -0.35 15.69 16.14
C MET C 62 1.01 15.10 15.62
N ASP C 63 1.40 13.92 16.09
CA ASP C 63 2.64 13.21 15.62
C ASP C 63 2.16 12.50 14.33
N THR C 64 2.56 12.81 13.14
CA THR C 64 1.98 12.06 11.98
C THR C 64 2.91 10.97 11.45
N SER C 65 3.49 10.16 12.27
CA SER C 65 4.45 9.13 11.78
C SER C 65 3.84 7.76 11.73
N VAL C 66 2.74 7.57 12.40
CA VAL C 66 2.12 6.23 12.31
C VAL C 66 1.01 6.50 11.28
N ASN C 67 0.99 5.79 10.18
CA ASN C 67 -0.04 6.03 9.18
C ASN C 67 -1.30 5.35 9.63
N ALA C 68 -2.03 6.06 10.46
CA ALA C 68 -3.28 5.57 11.02
C ALA C 68 -4.10 6.88 11.06
N ALA C 69 -5.02 6.92 10.12
CA ALA C 69 -5.88 8.11 9.99
C ALA C 69 -6.60 8.59 11.26
N ASN C 70 -7.23 7.70 11.92
CA ASN C 70 -8.00 8.13 13.11
C ASN C 70 -7.31 7.73 14.38
N GLN C 71 -7.06 8.74 15.23
CA GLN C 71 -6.41 8.44 16.51
C GLN C 71 -7.29 9.16 17.57
N VAL C 72 -7.12 8.69 18.77
CA VAL C 72 -7.81 9.25 19.94
C VAL C 72 -6.95 10.38 20.54
N VAL C 73 -7.62 11.51 20.79
CA VAL C 73 -6.94 12.67 21.44
C VAL C 73 -7.74 12.85 22.75
N SER C 74 -7.03 12.77 23.85
CA SER C 74 -7.72 12.90 25.14
C SER C 74 -7.37 14.30 25.75
N VAL C 75 -8.28 14.78 26.59
CA VAL C 75 -8.16 16.05 27.33
C VAL C 75 -8.53 15.87 28.79
N GLY C 76 -7.71 16.49 29.60
CA GLY C 76 -7.84 16.54 31.05
C GLY C 76 -7.70 18.04 31.49
N ALA C 77 -8.73 18.61 32.12
CA ALA C 77 -8.65 20.03 32.59
C ALA C 77 -9.55 20.37 33.78
N ASP C 78 -8.99 21.22 34.62
CA ASP C 78 -9.69 21.75 35.82
C ASP C 78 -9.44 23.27 35.74
N ILE C 79 -10.44 24.06 35.43
CA ILE C 79 -10.23 25.51 35.36
C ILE C 79 -11.30 26.27 36.19
N ALA C 80 -10.79 27.38 36.74
CA ALA C 80 -11.57 28.32 37.61
C ALA C 80 -11.43 29.77 37.20
N PHE C 81 -12.56 30.33 36.73
CA PHE C 81 -12.63 31.75 36.34
C PHE C 81 -13.05 32.55 37.61
N ASP C 82 -12.53 33.73 37.84
CA ASP C 82 -12.93 34.57 39.02
C ASP C 82 -14.41 34.93 38.90
N ALA C 83 -14.89 35.14 37.70
CA ALA C 83 -16.29 35.47 37.41
C ALA C 83 -16.84 34.39 36.47
N ASP C 84 -18.12 34.30 36.23
CA ASP C 84 -18.67 33.23 35.34
C ASP C 84 -18.97 33.76 33.96
N PRO C 85 -18.00 33.43 33.10
CA PRO C 85 -18.05 33.86 31.75
C PRO C 85 -19.17 33.30 30.91
N LYS C 86 -19.88 32.37 31.43
CA LYS C 86 -20.97 31.77 30.59
C LYS C 86 -20.41 31.32 29.23
N PHE C 87 -19.27 30.61 29.29
CA PHE C 87 -18.60 30.15 28.06
C PHE C 87 -18.92 28.68 27.70
N PHE C 88 -18.68 28.30 26.45
CA PHE C 88 -18.87 26.90 25.93
C PHE C 88 -17.42 26.38 25.74
N ALA C 89 -17.16 25.13 26.06
CA ALA C 89 -15.77 24.55 25.93
C ALA C 89 -15.83 23.50 24.79
N CYS C 90 -14.75 23.16 24.16
CA CYS C 90 -14.74 22.12 23.06
C CYS C 90 -13.30 21.73 22.71
N LEU C 91 -13.14 20.75 21.82
CA LEU C 91 -11.79 20.31 21.34
C LEU C 91 -11.80 20.95 19.95
N VAL C 92 -10.69 21.47 19.53
CA VAL C 92 -10.54 22.07 18.27
C VAL C 92 -9.41 21.30 17.46
N ARG C 93 -9.72 21.25 16.19
CA ARG C 93 -8.77 20.62 15.22
C ARG C 93 -8.53 21.63 14.13
N PHE C 94 -7.26 21.95 13.91
CA PHE C 94 -6.97 22.91 12.83
C PHE C 94 -5.57 22.55 12.27
N GLU C 95 -5.38 22.98 11.05
CA GLU C 95 -4.02 22.67 10.49
C GLU C 95 -3.38 23.98 10.15
N SER C 96 -2.07 23.91 10.06
CA SER C 96 -1.30 25.09 9.77
C SER C 96 0.06 24.60 9.28
N SER C 97 0.47 25.21 8.22
CA SER C 97 1.82 24.75 7.72
C SER C 97 2.90 25.54 8.45
N SER C 98 2.63 26.16 9.59
CA SER C 98 3.69 26.94 10.32
C SER C 98 3.31 27.01 11.78
N VAL C 99 4.26 27.25 12.68
CA VAL C 99 3.77 27.23 14.08
C VAL C 99 2.60 28.22 14.27
N PRO C 100 1.48 27.73 14.65
CA PRO C 100 0.31 28.65 14.83
C PRO C 100 0.45 29.52 16.11
N THR C 101 -0.16 30.75 16.08
CA THR C 101 -0.13 31.64 17.30
C THR C 101 -1.58 32.05 17.61
N THR C 102 -2.43 31.79 16.63
CA THR C 102 -3.87 32.03 16.72
C THR C 102 -4.61 30.97 15.86
N LEU C 103 -5.83 30.74 16.25
CA LEU C 103 -6.65 29.78 15.51
C LEU C 103 -6.80 30.24 14.09
N PRO C 104 -6.55 29.37 13.10
CA PRO C 104 -6.71 29.72 11.71
C PRO C 104 -8.20 29.92 11.44
N THR C 105 -8.51 30.37 10.25
CA THR C 105 -9.89 30.63 9.82
C THR C 105 -10.75 29.40 9.70
N ALA C 106 -10.12 28.26 9.42
CA ALA C 106 -10.83 26.98 9.28
C ALA C 106 -10.40 26.03 10.38
N TYR C 107 -11.39 25.45 10.99
CA TYR C 107 -11.14 24.50 12.07
C TYR C 107 -12.36 23.72 12.37
N ASP C 108 -12.30 22.61 13.07
CA ASP C 108 -13.51 21.86 13.37
C ASP C 108 -13.62 21.77 14.87
N VAL C 109 -14.80 21.58 15.39
CA VAL C 109 -15.02 21.50 16.84
C VAL C 109 -15.71 20.22 17.22
N TYR C 110 -15.46 19.78 18.45
CA TYR C 110 -16.00 18.55 18.96
C TYR C 110 -16.39 18.72 20.40
N PRO C 111 -17.53 18.25 20.79
CA PRO C 111 -18.00 18.36 22.16
C PRO C 111 -17.36 17.36 23.10
N LEU C 112 -17.10 17.83 24.32
CA LEU C 112 -16.52 17.03 25.39
C LEU C 112 -17.61 16.68 26.36
N ASN C 113 -17.30 15.90 27.36
CA ASN C 113 -18.38 15.54 28.27
C ASN C 113 -18.00 16.10 29.64
N GLY C 114 -17.79 17.41 29.60
CA GLY C 114 -17.35 18.10 30.85
C GLY C 114 -18.52 18.47 31.75
N ARG C 115 -18.18 19.30 32.71
CA ARG C 115 -19.17 19.81 33.66
C ARG C 115 -18.84 21.26 34.02
N HIS C 116 -19.84 22.08 33.75
CA HIS C 116 -19.82 23.52 34.02
C HIS C 116 -20.51 23.80 35.38
N ASP C 117 -19.88 24.60 36.21
CA ASP C 117 -20.48 24.97 37.52
C ASP C 117 -19.98 26.43 37.75
N GLY C 118 -20.91 27.34 37.36
CA GLY C 118 -20.55 28.76 37.51
C GLY C 118 -19.38 28.99 36.61
N GLY C 119 -18.32 29.46 37.20
CA GLY C 119 -17.11 29.78 36.49
C GLY C 119 -16.06 28.65 36.57
N TYR C 120 -16.47 27.54 37.12
CA TYR C 120 -15.65 26.34 37.30
C TYR C 120 -15.91 25.42 36.05
N TYR C 121 -14.82 24.75 35.63
CA TYR C 121 -14.96 23.79 34.48
C TYR C 121 -13.94 22.62 34.59
N THR C 122 -14.52 21.44 34.59
CA THR C 122 -13.58 20.25 34.68
C THR C 122 -14.02 19.25 33.59
N VAL C 123 -13.07 18.56 32.95
CA VAL C 123 -13.27 17.56 31.89
C VAL C 123 -12.12 16.48 31.93
N LYS C 124 -12.47 15.27 31.48
CA LYS C 124 -11.56 14.07 31.32
C LYS C 124 -12.21 13.30 30.16
N ASP C 125 -11.91 13.62 28.94
CA ASP C 125 -12.62 12.91 27.82
C ASP C 125 -11.68 12.64 26.69
N CYS C 126 -12.08 11.84 25.70
CA CYS C 126 -11.16 11.58 24.55
C CYS C 126 -12.09 11.66 23.37
N VAL C 127 -11.55 11.84 22.22
CA VAL C 127 -12.31 11.95 20.99
C VAL C 127 -11.50 11.37 19.82
N THR C 128 -12.14 10.65 18.88
CA THR C 128 -11.24 10.16 17.76
C THR C 128 -11.36 11.23 16.71
N ILE C 129 -10.23 11.66 16.25
CA ILE C 129 -10.02 12.66 15.28
C ILE C 129 -9.20 12.14 14.08
N ASP C 130 -9.41 12.78 12.96
CA ASP C 130 -8.59 12.41 11.74
C ASP C 130 -7.32 13.21 11.93
N VAL C 131 -6.26 12.63 12.45
CA VAL C 131 -4.98 13.26 12.74
C VAL C 131 -4.03 13.48 11.64
N LEU C 132 -4.15 13.11 10.39
CA LEU C 132 -3.13 13.39 9.36
C LEU C 132 -3.66 14.60 8.62
N PRO C 133 -2.74 15.32 8.09
CA PRO C 133 -3.10 16.58 7.37
C PRO C 133 -4.08 16.33 6.27
N ARG C 134 -5.12 17.16 6.24
CA ARG C 134 -6.11 17.00 5.15
C ARG C 134 -5.54 17.65 3.92
N THR C 135 -4.58 18.49 4.12
CA THR C 135 -3.89 19.16 3.09
C THR C 135 -2.40 18.84 3.23
N PRO C 136 -1.79 18.47 2.12
CA PRO C 136 -0.45 17.91 2.08
C PRO C 136 0.64 18.62 2.86
N GLY C 137 0.74 19.92 2.87
CA GLY C 137 1.93 20.50 3.56
C GLY C 137 1.74 20.76 5.02
N ASN C 138 0.56 20.82 5.56
CA ASN C 138 0.33 21.17 6.96
C ASN C 138 0.68 20.24 8.05
N ASN C 139 0.51 20.85 9.23
CA ASN C 139 0.68 20.14 10.48
C ASN C 139 -0.76 20.22 11.09
N VAL C 140 -1.16 19.15 11.65
CA VAL C 140 -2.52 19.25 12.26
C VAL C 140 -2.26 19.51 13.77
N TYR C 141 -3.14 20.29 14.38
CA TYR C 141 -3.14 20.71 15.78
C TYR C 141 -4.49 20.43 16.36
N VAL C 142 -4.45 19.92 17.56
CA VAL C 142 -5.70 19.62 18.28
C VAL C 142 -5.60 20.38 19.64
N GLY C 143 -6.68 21.10 20.04
CA GLY C 143 -6.57 21.84 21.34
C GLY C 143 -7.87 21.90 22.09
N PHE C 144 -7.70 22.39 23.32
CA PHE C 144 -8.84 22.58 24.24
C PHE C 144 -9.14 24.10 24.08
N MET C 145 -10.32 24.46 23.65
CA MET C 145 -10.70 25.88 23.46
C MET C 145 -11.94 26.31 24.28
N VAL C 146 -11.86 27.55 24.85
CA VAL C 146 -12.93 28.22 25.63
C VAL C 146 -13.34 29.43 24.76
N TRP C 147 -14.64 29.60 24.66
CA TRP C 147 -15.23 30.65 23.86
C TRP C 147 -16.47 31.30 24.53
N SER C 148 -16.38 32.63 24.61
CA SER C 148 -17.48 33.46 25.19
C SER C 148 -17.28 34.94 24.91
N ASN C 149 -18.28 35.71 25.48
CA ASN C 149 -18.19 37.16 25.34
C ASN C 149 -17.54 37.53 26.70
N PHE C 150 -16.23 37.37 26.66
CA PHE C 150 -15.41 37.65 27.83
C PHE C 150 -15.43 39.14 28.27
N THR C 151 -15.35 39.21 29.57
CA THR C 151 -15.30 40.46 30.40
C THR C 151 -13.96 40.43 31.09
N ALA C 152 -13.31 41.53 31.38
CA ALA C 152 -11.98 41.31 32.06
C ALA C 152 -12.22 40.44 33.26
N THR C 153 -11.32 39.48 33.42
CA THR C 153 -11.39 38.57 34.52
C THR C 153 -10.05 37.79 34.62
N LYS C 154 -10.07 36.90 35.57
CA LYS C 154 -8.89 36.05 35.82
C LYS C 154 -9.19 34.59 35.92
N CYS C 155 -8.19 33.72 35.54
CA CYS C 155 -8.44 32.26 35.67
C CYS C 155 -7.11 31.57 36.08
N ARG C 156 -7.34 30.50 36.71
CA ARG C 156 -6.54 29.50 37.33
C ARG C 156 -6.81 28.07 36.82
N GLY C 157 -5.78 27.21 36.73
CA GLY C 157 -6.03 25.81 36.29
C GLY C 157 -4.95 25.16 35.43
N LEU C 158 -5.27 23.93 34.98
CA LEU C 158 -4.36 23.11 34.11
C LEU C 158 -5.22 22.50 33.00
N VAL C 159 -4.59 22.37 31.86
CA VAL C 159 -5.27 21.74 30.69
C VAL C 159 -4.15 20.79 30.12
N SER C 160 -4.57 19.53 30.04
CA SER C 160 -3.72 18.42 29.56
C SER C 160 -4.28 17.78 28.31
N LEU C 161 -3.50 17.71 27.27
CA LEU C 161 -3.95 17.03 26.01
C LEU C 161 -2.90 15.86 25.71
N ASN C 162 -3.48 14.77 25.19
CA ASN C 162 -2.65 13.58 24.83
C ASN C 162 -3.14 12.87 23.58
N GLN C 163 -2.17 12.61 22.69
CA GLN C 163 -2.51 11.90 21.39
C GLN C 163 -2.24 10.42 21.60
N VAL C 164 -3.27 9.61 21.64
CA VAL C 164 -2.99 8.18 21.88
C VAL C 164 -2.34 7.41 20.71
N ILE C 165 -1.11 7.67 20.46
CA ILE C 165 -0.29 7.02 19.41
C ILE C 165 0.46 5.82 20.03
N LYS C 166 0.34 5.72 21.34
CA LYS C 166 0.96 4.60 22.07
C LYS C 166 0.28 4.48 23.39
N GLU C 167 0.40 3.30 23.96
CA GLU C 167 -0.30 3.19 25.28
C GLU C 167 0.69 3.44 26.39
N ILE C 168 0.30 3.47 27.64
CA ILE C 168 1.14 3.67 28.82
C ILE C 168 1.17 2.55 29.80
N ILE C 169 2.22 1.78 30.12
CA ILE C 169 1.99 0.73 31.10
C ILE C 169 2.08 1.30 32.55
N CYS C 170 1.53 0.53 33.41
CA CYS C 170 1.50 0.79 34.86
C CYS C 170 1.56 -0.55 35.56
N LEU C 171 1.95 -0.63 36.81
CA LEU C 171 2.01 -1.92 37.45
C LEU C 171 0.62 -2.46 37.67
N GLN C 172 0.55 -3.78 37.49
CA GLN C 172 -0.73 -4.48 37.71
C GLN C 172 -0.30 -5.56 38.68
N PRO C 173 -0.46 -5.29 39.97
CA PRO C 173 -0.07 -6.22 41.00
C PRO C 173 -0.45 -7.66 40.81
N LEU C 174 -1.48 -8.04 40.06
CA LEU C 174 -1.77 -9.50 39.96
C LEU C 174 -1.17 -10.14 38.70
N LYS C 175 -0.22 -9.57 38.03
CA LYS C 175 0.33 -10.16 36.78
C LYS C 175 1.75 -10.67 36.66
N LYS D 2 -33.94 -33.57 -14.16
CA LYS D 2 -34.71 -33.08 -12.98
C LYS D 2 -34.16 -33.54 -11.60
N GLY D 3 -34.17 -32.43 -10.80
CA GLY D 3 -33.74 -32.25 -9.42
C GLY D 3 -33.92 -33.43 -8.54
N LYS D 4 -33.26 -33.36 -7.34
CA LYS D 4 -33.50 -34.60 -6.56
C LYS D 4 -32.99 -34.64 -5.17
N LYS D 5 -31.84 -35.46 -5.14
CA LYS D 5 -31.33 -35.50 -3.74
C LYS D 5 -30.54 -34.23 -3.37
N ARG D 6 -30.86 -33.80 -2.15
CA ARG D 6 -30.22 -32.61 -1.52
C ARG D 6 -28.95 -33.04 -0.81
N SER D 7 -27.93 -32.18 -0.76
CA SER D 7 -26.66 -32.62 -0.04
C SER D 7 -25.89 -31.51 0.62
N GLY D 8 -26.51 -30.40 1.15
CA GLY D 8 -25.45 -29.40 1.73
C GLY D 8 -24.95 -29.98 3.03
N ALA D 9 -25.40 -31.21 3.24
CA ALA D 9 -24.95 -31.78 4.53
C ALA D 9 -23.45 -32.03 4.50
N ARG D 10 -22.70 -31.14 3.93
CA ARG D 10 -21.20 -31.32 3.85
C ARG D 10 -20.61 -31.08 5.27
N PRO D 11 -20.47 -32.22 5.93
CA PRO D 11 -19.94 -32.23 7.33
C PRO D 11 -18.56 -31.62 7.36
N GLY D 12 -18.50 -30.37 7.94
CA GLY D 12 -17.15 -29.73 7.97
C GLY D 12 -17.25 -28.30 8.55
N ARG D 13 -16.06 -27.81 9.02
CA ARG D 13 -16.21 -26.33 9.58
C ARG D 13 -15.97 -25.58 8.30
N PRO D 14 -16.65 -24.44 8.30
CA PRO D 14 -16.59 -23.62 7.11
C PRO D 14 -15.19 -23.20 6.79
N GLN D 15 -14.92 -23.10 5.52
CA GLN D 15 -13.59 -22.66 5.07
C GLN D 15 -13.70 -21.37 4.31
N PRO D 16 -12.80 -20.42 4.56
CA PRO D 16 -12.83 -19.12 3.85
C PRO D 16 -12.71 -19.38 2.36
N LEU D 17 -13.50 -18.60 1.64
CA LEU D 17 -13.46 -18.73 0.16
C LEU D 17 -12.03 -18.47 -0.30
N ARG D 18 -11.53 -19.52 -1.06
CA ARG D 18 -10.15 -19.44 -1.53
C ARG D 18 -9.95 -19.25 -3.00
N GLY D 19 -10.70 -18.47 -3.75
CA GLY D 19 -10.17 -18.50 -5.23
C GLY D 19 -11.43 -18.55 -6.08
N THR D 20 -11.58 -17.52 -6.90
CA THR D 20 -12.86 -17.58 -7.72
C THR D 20 -12.68 -18.31 -9.03
N LYS D 21 -11.58 -19.13 -9.17
CA LYS D 21 -11.42 -19.78 -10.54
C LYS D 21 -11.75 -21.24 -10.59
N GLY D 22 -12.93 -21.47 -11.12
CA GLY D 22 -13.52 -22.78 -11.32
C GLY D 22 -12.82 -24.03 -10.79
N LYS D 23 -12.88 -25.07 -11.70
CA LYS D 23 -12.27 -26.42 -11.35
C LYS D 23 -11.43 -26.95 -12.53
N ARG D 24 -12.03 -26.63 -13.68
CA ARG D 24 -11.36 -27.02 -14.98
C ARG D 24 -11.42 -25.77 -15.84
N LYS D 25 -10.21 -25.41 -16.22
CA LYS D 25 -10.10 -24.19 -17.06
C LYS D 25 -9.87 -24.64 -18.52
N GLY D 26 -9.59 -23.65 -19.36
CA GLY D 26 -9.33 -24.09 -20.79
C GLY D 26 -8.38 -23.17 -21.47
N ALA D 27 -8.87 -22.46 -22.50
CA ALA D 27 -7.98 -21.58 -23.22
C ALA D 27 -7.72 -20.25 -22.49
N ARG D 28 -6.76 -19.58 -23.02
CA ARG D 28 -6.34 -18.26 -22.48
C ARG D 28 -7.41 -17.21 -22.68
N LEU D 29 -7.68 -16.35 -21.72
CA LEU D 29 -8.69 -15.29 -21.77
C LEU D 29 -8.17 -13.87 -21.80
N TRP D 30 -7.01 -13.54 -21.25
CA TRP D 30 -6.52 -12.16 -21.20
C TRP D 30 -5.27 -11.98 -22.01
N TYR D 31 -5.29 -10.87 -22.74
CA TYR D 31 -4.26 -10.42 -23.63
C TYR D 31 -4.05 -8.94 -23.27
N VAL D 32 -2.93 -8.65 -22.70
CA VAL D 32 -2.51 -7.33 -22.18
C VAL D 32 -1.29 -6.78 -22.76
N GLY D 33 -0.69 -7.43 -23.80
CA GLY D 33 0.51 -6.94 -24.42
C GLY D 33 1.74 -7.72 -24.00
N GLY D 34 1.61 -8.60 -23.04
CA GLY D 34 2.71 -9.42 -22.55
C GLY D 34 2.48 -9.98 -21.21
N GLN D 35 3.55 -10.42 -20.54
CA GLN D 35 3.32 -11.01 -19.22
C GLN D 35 3.08 -9.92 -18.16
N GLN D 36 2.23 -10.17 -17.22
CA GLN D 36 1.86 -9.19 -16.12
C GLN D 36 1.63 -10.01 -14.92
N PHE D 37 2.30 -9.91 -13.82
CA PHE D 37 2.15 -10.75 -12.67
C PHE D 37 0.90 -10.68 -11.83
#